data_2VRL
#
_entry.id   2VRL
#
_cell.length_a   132.377
_cell.length_b   223.909
_cell.length_c   87.307
_cell.angle_alpha   90.00
_cell.angle_beta   90.00
_cell.angle_gamma   90.00
#
_symmetry.space_group_name_H-M   'C 2 2 2'
#
loop_
_entity.id
_entity.type
_entity.pdbx_description
1 polymer 'AMINE OXIDASE [FLAVIN-CONTAINING] B'
2 non-polymer 'FLAVIN-ADENINE DINUCLEOTIDE'
3 non-polymer TOLUENE
4 water water
#
_entity_poly.entity_id   1
_entity_poly.type   'polypeptide(L)'
_entity_poly.pdbx_seq_one_letter_code
;MSNKCDVVVVGGGISGMAAAKLLHDSGLNVVVLEARDRVGGRTYTLRNQKVKYVDLGGSYVGPTQNRILRLAKELGLETY
KVNEVERLIHHVKGKSYPFRGPFPPVWNPITYLDHNNFWRTMDDMGREIPSDAPWKAPLAEEWDNMTMKELLDKLCWTES
AKQLATLFVNLCVTAETHEVSALWFLWYVKQCGGTTRIISTTNGGQERKFVGGSGQVSERIMDLLGDRVKLERPVIYIDQ
TRENVLVETLNHEMYEAKYVISAIPPTLGMKIHFNPPLPMMRNQMITRVPLGSVIKCIVYYKEPFWRKKDYCGTMIIDGE
EAPVAYTLDDTKPEGNYAAIMGFILAHKARKLARLTKEERLKKLCELYAKVLGSLEALEPVHYEEKNWCEEQYSGGCYTT
YFPPGILTQYGRVLRQPVDRIYFAGTETATHWSGYMEGAVEAGERAAREILHAMGKIPEDEIWQSEPESVDVPAQPITTT
FLERHLPSVPGLLRLIGLTTIFSATALGFLAHKRGLLVRV
;
_entity_poly.pdbx_strand_id   A,B
#
loop_
_chem_comp.id
_chem_comp.type
_chem_comp.name
_chem_comp.formula
FAD non-polymer 'FLAVIN-ADENINE DINUCLEOTIDE' 'C27 H33 N9 O15 P2'
MBN non-polymer TOLUENE 'C7 H8'
#
# COMPACT_ATOMS: atom_id res chain seq x y z
N ASN A 3 -29.67 -2.10 19.04
CA ASN A 3 -29.14 -0.92 19.80
C ASN A 3 -28.12 -1.27 20.91
N LYS A 4 -28.56 -1.38 22.17
CA LYS A 4 -27.65 -1.37 23.32
C LYS A 4 -27.03 -2.71 23.69
N CYS A 5 -25.72 -2.70 23.98
CA CYS A 5 -24.96 -3.88 24.44
C CYS A 5 -23.64 -3.44 25.09
N ASP A 6 -22.89 -4.40 25.62
CA ASP A 6 -21.58 -4.11 26.20
C ASP A 6 -20.47 -3.92 25.15
N VAL A 7 -20.40 -4.85 24.19
CA VAL A 7 -19.37 -4.86 23.12
C VAL A 7 -19.93 -5.18 21.72
N VAL A 8 -19.64 -4.29 20.77
CA VAL A 8 -19.87 -4.56 19.36
C VAL A 8 -18.58 -5.11 18.79
N VAL A 9 -18.67 -6.28 18.15
CA VAL A 9 -17.56 -6.86 17.39
C VAL A 9 -17.83 -6.64 15.91
N VAL A 10 -16.91 -5.97 15.22
CA VAL A 10 -17.03 -5.74 13.78
C VAL A 10 -16.28 -6.84 13.01
N GLY A 11 -17.03 -7.67 12.28
CA GLY A 11 -16.47 -8.79 11.55
C GLY A 11 -16.82 -10.13 12.19
N GLY A 12 -17.35 -11.04 11.37
CA GLY A 12 -17.68 -12.39 11.80
C GLY A 12 -16.80 -13.47 11.21
N GLY A 13 -15.49 -13.24 11.10
CA GLY A 13 -14.54 -14.28 10.71
C GLY A 13 -14.15 -15.04 11.97
N ILE A 14 -13.17 -15.95 11.86
CA ILE A 14 -12.71 -16.69 13.02
C ILE A 14 -12.28 -15.79 14.18
N SER A 15 -11.59 -14.69 13.86
CA SER A 15 -11.13 -13.78 14.92
C SER A 15 -12.27 -13.10 15.68
N GLY A 16 -13.23 -12.54 14.93
CA GLY A 16 -14.41 -11.90 15.51
C GLY A 16 -15.27 -12.86 16.31
N MET A 17 -15.49 -14.07 15.75
CA MET A 17 -16.26 -15.10 16.45
C MET A 17 -15.58 -15.64 17.71
N ALA A 18 -14.26 -15.84 17.68
CA ALA A 18 -13.53 -16.20 18.91
C ALA A 18 -13.58 -15.13 20.02
N ALA A 19 -13.53 -13.84 19.65
CA ALA A 19 -13.66 -12.75 20.62
C ALA A 19 -15.05 -12.74 21.24
N ALA A 20 -16.07 -12.77 20.40
CA ALA A 20 -17.46 -12.75 20.85
C ALA A 20 -17.76 -13.95 21.77
N LYS A 21 -17.26 -15.13 21.43
CA LYS A 21 -17.50 -16.31 22.24
C LYS A 21 -16.91 -16.16 23.64
N LEU A 22 -15.68 -15.66 23.71
CA LEU A 22 -15.01 -15.41 24.99
C LEU A 22 -15.80 -14.44 25.86
N LEU A 23 -16.21 -13.31 25.27
CA LEU A 23 -16.95 -12.25 25.95
C LEU A 23 -18.33 -12.72 26.41
N HIS A 24 -19.00 -13.50 25.55
CA HIS A 24 -20.28 -14.11 25.86
C HIS A 24 -20.13 -15.06 27.03
N ASP A 25 -19.11 -15.92 26.99
CA ASP A 25 -18.86 -16.91 28.07
C ASP A 25 -18.52 -16.25 29.42
N SER A 26 -18.12 -14.98 29.35
CA SER A 26 -17.80 -14.21 30.57
C SER A 26 -19.00 -13.47 31.15
N GLY A 27 -20.15 -13.53 30.48
CA GLY A 27 -21.35 -12.83 30.97
C GLY A 27 -21.74 -11.52 30.30
N LEU A 28 -20.89 -11.01 29.40
CA LEU A 28 -21.19 -9.74 28.72
C LEU A 28 -22.18 -9.91 27.58
N ASN A 29 -22.90 -8.84 27.27
CA ASN A 29 -23.80 -8.79 26.11
C ASN A 29 -23.06 -8.30 24.87
N VAL A 30 -22.95 -9.16 23.86
CA VAL A 30 -22.18 -8.88 22.66
C VAL A 30 -23.04 -8.95 21.42
N VAL A 31 -22.67 -8.14 20.45
CA VAL A 31 -23.26 -8.21 19.10
C VAL A 31 -22.10 -8.31 18.11
N VAL A 32 -22.27 -9.19 17.12
CA VAL A 32 -21.33 -9.29 16.00
C VAL A 32 -21.97 -8.68 14.75
N LEU A 33 -21.29 -7.71 14.13
CA LEU A 33 -21.84 -7.09 12.90
C LEU A 33 -21.03 -7.60 11.73
N GLU A 34 -21.69 -8.35 10.85
CA GLU A 34 -21.02 -8.97 9.70
C GLU A 34 -21.52 -8.40 8.37
N ALA A 35 -20.60 -8.00 7.50
CA ALA A 35 -20.93 -7.37 6.22
C ALA A 35 -21.65 -8.31 5.26
N ARG A 36 -21.19 -9.55 5.18
CA ARG A 36 -21.71 -10.55 4.24
C ARG A 36 -22.96 -11.28 4.74
N ASP A 37 -23.56 -12.06 3.85
CA ASP A 37 -24.73 -12.87 4.17
C ASP A 37 -24.34 -14.22 4.79
N ARG A 38 -23.10 -14.31 5.27
CA ARG A 38 -22.55 -15.53 5.86
C ARG A 38 -21.44 -15.14 6.84
N VAL A 39 -21.14 -16.03 7.80
CA VAL A 39 -19.96 -15.87 8.64
C VAL A 39 -18.76 -16.62 8.04
N GLY A 40 -17.56 -16.44 8.60
CA GLY A 40 -16.40 -17.22 8.17
C GLY A 40 -15.28 -16.43 7.53
N GLY A 41 -15.62 -15.33 6.84
CA GLY A 41 -14.63 -14.47 6.22
C GLY A 41 -13.73 -15.13 5.19
N ARG A 42 -12.44 -15.21 5.50
CA ARG A 42 -11.47 -15.81 4.58
C ARG A 42 -11.48 -17.36 4.64
N THR A 43 -12.35 -17.94 5.49
CA THR A 43 -12.69 -19.35 5.43
C THR A 43 -14.09 -19.47 4.86
N TYR A 44 -14.28 -20.42 3.97
CA TYR A 44 -15.54 -20.59 3.27
C TYR A 44 -15.64 -22.02 2.78
N THR A 45 -16.64 -22.75 3.25
CA THR A 45 -16.87 -24.14 2.86
C THR A 45 -18.12 -24.23 1.98
N LEU A 46 -17.92 -24.66 0.74
CA LEU A 46 -18.98 -24.91 -0.22
C LEU A 46 -19.47 -26.38 -0.11
N ARG A 47 -20.79 -26.55 -0.08
CA ARG A 47 -21.42 -27.86 -0.10
C ARG A 47 -22.30 -27.96 -1.33
N ASN A 48 -22.09 -29.03 -2.10
CA ASN A 48 -23.00 -29.43 -3.15
C ASN A 48 -22.79 -30.93 -3.33
N GLN A 49 -23.63 -31.54 -4.14
CA GLN A 49 -23.64 -32.99 -4.29
C GLN A 49 -22.36 -33.55 -4.93
N LYS A 50 -21.74 -32.77 -5.82
CA LYS A 50 -20.54 -33.20 -6.55
C LYS A 50 -19.29 -33.29 -5.70
N VAL A 51 -19.16 -32.40 -4.72
CA VAL A 51 -17.94 -32.30 -3.91
C VAL A 51 -18.20 -32.76 -2.46
N LYS A 52 -19.48 -32.85 -2.13
CA LYS A 52 -19.96 -33.00 -0.74
C LYS A 52 -19.68 -31.74 0.09
N TYR A 53 -18.39 -31.47 0.35
CA TYR A 53 -17.94 -30.20 0.91
C TYR A 53 -16.53 -29.92 0.40
N VAL A 54 -16.15 -28.65 0.35
CA VAL A 54 -14.79 -28.23 -0.01
C VAL A 54 -14.45 -26.83 0.55
N ASP A 55 -13.27 -26.70 1.13
CA ASP A 55 -12.76 -25.43 1.59
C ASP A 55 -12.22 -24.61 0.42
N LEU A 56 -12.82 -23.46 0.16
CA LEU A 56 -12.34 -22.55 -0.88
C LEU A 56 -11.45 -21.41 -0.35
N GLY A 57 -11.32 -21.30 0.98
CA GLY A 57 -10.42 -20.34 1.61
C GLY A 57 -9.51 -21.08 2.57
N GLY A 58 -9.24 -20.52 3.74
CA GLY A 58 -8.38 -21.19 4.71
C GLY A 58 -8.87 -22.59 5.03
N SER A 59 -7.92 -23.51 5.26
CA SER A 59 -8.21 -24.94 5.32
C SER A 59 -7.29 -25.76 6.25
N TYR A 60 -5.96 -25.58 6.12
CA TYR A 60 -4.96 -26.41 6.81
C TYR A 60 -4.64 -25.92 8.20
N VAL A 61 -4.45 -26.90 9.09
CA VAL A 61 -3.99 -26.71 10.45
C VAL A 61 -2.93 -27.78 10.69
N GLY A 62 -2.08 -27.55 11.69
CA GLY A 62 -1.03 -28.52 12.03
C GLY A 62 -0.41 -28.28 13.40
N PRO A 63 0.61 -29.08 13.74
CA PRO A 63 1.24 -28.95 15.05
C PRO A 63 1.78 -27.53 15.37
N THR A 64 1.71 -27.21 16.67
CA THR A 64 1.95 -25.88 17.26
C THR A 64 0.80 -24.86 17.09
N GLN A 65 -0.24 -25.22 16.35
CA GLN A 65 -1.41 -24.35 16.22
C GLN A 65 -2.47 -24.74 17.28
N ASN A 66 -2.11 -24.59 18.55
CA ASN A 66 -2.90 -25.16 19.63
C ASN A 66 -4.24 -24.46 19.91
N ARG A 67 -4.32 -23.17 19.67
CA ARG A 67 -5.55 -22.41 19.93
C ARG A 67 -6.69 -22.77 18.95
N ILE A 68 -6.37 -22.88 17.66
CA ILE A 68 -7.41 -23.26 16.69
C ILE A 68 -7.87 -24.73 16.92
N LEU A 69 -6.93 -25.58 17.31
CA LEU A 69 -7.24 -26.98 17.60
C LEU A 69 -8.14 -27.14 18.83
N ARG A 70 -7.82 -26.40 19.91
CA ARG A 70 -8.67 -26.39 21.10
C ARG A 70 -10.07 -25.83 20.77
N LEU A 71 -10.13 -24.71 20.04
CA LEU A 71 -11.44 -24.09 19.74
C LEU A 71 -12.32 -25.02 18.93
N ALA A 72 -11.75 -25.60 17.89
CA ALA A 72 -12.48 -26.54 17.03
C ALA A 72 -12.93 -27.83 17.80
N LYS A 73 -12.06 -28.34 18.67
CA LYS A 73 -12.38 -29.51 19.49
C LYS A 73 -13.56 -29.22 20.43
N GLU A 74 -13.54 -28.08 21.10
CA GLU A 74 -14.66 -27.67 21.95
C GLU A 74 -15.98 -27.54 21.18
N LEU A 75 -15.88 -27.15 19.91
CA LEU A 75 -17.05 -27.04 19.03
C LEU A 75 -17.51 -28.40 18.49
N GLY A 76 -16.74 -29.46 18.75
CA GLY A 76 -17.11 -30.81 18.29
C GLY A 76 -16.57 -31.22 16.91
N LEU A 77 -15.48 -30.57 16.49
CA LEU A 77 -14.88 -30.84 15.18
C LEU A 77 -13.74 -31.86 15.28
N GLU A 78 -13.52 -32.59 14.19
CA GLU A 78 -12.44 -33.57 14.07
C GLU A 78 -11.51 -33.13 12.97
N THR A 79 -10.24 -33.51 13.07
CA THR A 79 -9.27 -33.34 11.98
C THR A 79 -8.93 -34.68 11.35
N TYR A 80 -8.46 -34.62 10.10
CA TYR A 80 -7.82 -35.77 9.44
C TYR A 80 -6.51 -35.34 8.75
N LYS A 81 -5.66 -36.33 8.49
CA LYS A 81 -4.34 -36.10 7.90
C LYS A 81 -4.36 -35.95 6.39
N VAL A 82 -3.71 -34.90 5.89
CA VAL A 82 -3.47 -34.74 4.45
C VAL A 82 -2.61 -35.91 3.90
N ASN A 83 -3.00 -36.48 2.77
CA ASN A 83 -2.20 -37.56 2.17
C ASN A 83 -0.75 -37.17 1.86
N GLU A 84 0.20 -37.80 2.56
CA GLU A 84 1.62 -37.64 2.25
C GLU A 84 2.37 -38.99 2.27
N VAL A 85 1.63 -40.08 2.05
CA VAL A 85 2.18 -41.42 2.06
C VAL A 85 3.18 -41.71 0.91
N GLU A 86 2.84 -41.29 -0.30
CA GLU A 86 3.70 -41.60 -1.47
C GLU A 86 4.71 -40.47 -1.76
N ARG A 87 5.30 -40.45 -2.96
CA ARG A 87 6.37 -39.48 -3.26
C ARG A 87 5.87 -38.06 -3.59
N LEU A 88 6.60 -37.04 -3.09
CA LEU A 88 6.43 -35.67 -3.56
C LEU A 88 7.10 -35.52 -4.92
N ILE A 89 6.67 -34.53 -5.69
CA ILE A 89 7.30 -34.22 -6.97
C ILE A 89 7.83 -32.79 -6.98
N HIS A 90 9.06 -32.63 -7.48
CA HIS A 90 9.61 -31.33 -7.80
C HIS A 90 9.78 -31.23 -9.34
N HIS A 91 8.99 -30.39 -9.97
CA HIS A 91 9.06 -30.22 -11.42
C HIS A 91 9.87 -28.97 -11.69
N VAL A 92 11.00 -29.15 -12.36
CA VAL A 92 11.88 -28.04 -12.67
C VAL A 92 12.46 -28.18 -14.09
N LYS A 93 12.40 -27.07 -14.85
CA LYS A 93 12.84 -27.00 -16.26
C LYS A 93 12.20 -28.09 -17.13
N GLY A 94 10.87 -28.15 -17.08
CA GLY A 94 10.09 -29.11 -17.83
C GLY A 94 10.22 -30.59 -17.49
N LYS A 95 10.84 -30.94 -16.36
CA LYS A 95 11.02 -32.36 -15.99
C LYS A 95 10.69 -32.61 -14.50
N SER A 96 10.20 -33.81 -14.18
CA SER A 96 9.77 -34.14 -12.80
C SER A 96 10.78 -35.00 -12.03
N TYR A 97 11.02 -34.63 -10.77
CA TYR A 97 11.93 -35.39 -9.90
C TYR A 97 11.20 -35.80 -8.63
N PRO A 98 10.78 -37.07 -8.55
CA PRO A 98 10.12 -37.57 -7.32
C PRO A 98 11.09 -37.59 -6.14
N PHE A 99 10.59 -37.31 -4.96
CA PHE A 99 11.39 -37.41 -3.75
C PHE A 99 10.51 -37.74 -2.56
N ARG A 100 11.14 -38.20 -1.49
CA ARG A 100 10.47 -38.34 -0.20
C ARG A 100 11.13 -37.38 0.76
N GLY A 101 10.51 -37.21 1.92
CA GLY A 101 11.02 -36.26 2.90
C GLY A 101 10.46 -34.91 2.56
N PRO A 102 10.58 -33.96 3.48
CA PRO A 102 9.95 -32.64 3.33
C PRO A 102 10.57 -31.78 2.21
N PHE A 103 11.83 -32.07 1.89
CA PHE A 103 12.67 -31.18 1.06
C PHE A 103 13.18 -31.85 -0.21
N PRO A 104 13.07 -31.15 -1.34
CA PRO A 104 13.68 -31.61 -2.61
C PRO A 104 15.20 -31.77 -2.43
N PRO A 105 15.77 -32.92 -2.86
CA PRO A 105 17.19 -33.13 -2.65
C PRO A 105 18.06 -32.42 -3.70
N VAL A 106 19.30 -32.07 -3.31
CA VAL A 106 20.22 -31.31 -4.16
C VAL A 106 21.53 -32.08 -4.26
N TRP A 107 21.92 -32.45 -5.48
CA TRP A 107 23.10 -33.28 -5.69
C TRP A 107 24.41 -32.53 -5.93
N ASN A 108 24.37 -31.50 -6.76
CA ASN A 108 25.56 -30.68 -7.00
C ASN A 108 26.07 -30.08 -5.68
N PRO A 109 27.35 -30.33 -5.32
CA PRO A 109 27.88 -29.80 -4.05
C PRO A 109 27.91 -28.27 -3.93
N ILE A 110 28.03 -27.52 -5.03
CA ILE A 110 28.02 -26.05 -4.94
C ILE A 110 26.59 -25.61 -4.68
N THR A 111 25.68 -26.00 -5.57
CA THR A 111 24.25 -25.77 -5.41
C THR A 111 23.79 -26.22 -4.02
N TYR A 112 24.34 -27.34 -3.54
CA TYR A 112 24.00 -27.85 -2.23
C TYR A 112 24.42 -26.92 -1.09
N LEU A 113 25.63 -26.39 -1.16
CA LEU A 113 26.08 -25.40 -0.19
C LEU A 113 25.23 -24.13 -0.24
N ASP A 114 24.83 -23.72 -1.45
CA ASP A 114 24.00 -22.53 -1.62
C ASP A 114 22.58 -22.70 -1.03
N HIS A 115 21.93 -23.82 -1.32
CA HIS A 115 20.60 -24.14 -0.80
C HIS A 115 20.65 -24.24 0.74
N ASN A 116 21.63 -24.96 1.27
CA ASN A 116 21.76 -25.14 2.71
C ASN A 116 21.93 -23.83 3.47
N ASN A 117 22.83 -22.98 2.97
CA ASN A 117 23.10 -21.68 3.55
C ASN A 117 21.93 -20.70 3.45
N PHE A 118 21.14 -20.77 2.38
CA PHE A 118 19.94 -19.92 2.28
C PHE A 118 18.93 -20.14 3.44
N TRP A 119 18.45 -21.36 3.59
CA TRP A 119 17.46 -21.70 4.61
C TRP A 119 17.97 -21.44 6.03
N ARG A 120 19.24 -21.75 6.24
CA ARG A 120 19.91 -21.53 7.50
C ARG A 120 19.96 -20.05 7.85
N THR A 121 20.28 -19.21 6.85
CA THR A 121 20.40 -17.76 7.04
C THR A 121 19.04 -17.12 7.33
N MET A 122 18.01 -17.55 6.60
CA MET A 122 16.63 -17.19 6.94
C MET A 122 16.30 -17.41 8.42
N ASP A 123 16.63 -18.60 8.94
CA ASP A 123 16.35 -18.90 10.33
C ASP A 123 17.29 -18.12 11.27
N ASP A 124 18.55 -17.94 10.89
CA ASP A 124 19.50 -17.14 11.68
C ASP A 124 19.04 -15.70 11.86
N MET A 125 18.60 -15.09 10.75
CA MET A 125 18.11 -13.71 10.76
C MET A 125 16.83 -13.59 11.60
N GLY A 126 15.92 -14.55 11.45
CA GLY A 126 14.73 -14.61 12.28
C GLY A 126 14.96 -14.58 13.78
N ARG A 127 16.00 -15.27 14.25
CA ARG A 127 16.30 -15.32 15.70
C ARG A 127 16.65 -13.98 16.29
N GLU A 128 16.91 -13.00 15.42
CA GLU A 128 17.21 -11.65 15.86
C GLU A 128 15.96 -10.78 15.94
N ILE A 129 14.82 -11.32 15.53
CA ILE A 129 13.56 -10.58 15.39
C ILE A 129 12.53 -11.00 16.44
N PRO A 130 12.21 -10.09 17.37
CA PRO A 130 11.16 -10.42 18.36
C PRO A 130 9.81 -10.59 17.70
N SER A 131 9.11 -11.68 18.02
CA SER A 131 7.76 -11.95 17.51
C SER A 131 6.74 -10.83 17.74
N ASP A 132 6.78 -10.23 18.93
CA ASP A 132 5.78 -9.25 19.35
C ASP A 132 6.19 -7.83 18.99
N ALA A 133 7.39 -7.67 18.45
CA ALA A 133 7.91 -6.35 18.12
C ALA A 133 9.05 -6.41 17.07
N PRO A 134 8.72 -6.84 15.83
CA PRO A 134 9.76 -7.00 14.78
C PRO A 134 10.61 -5.75 14.54
N TRP A 135 10.04 -4.56 14.76
CA TRP A 135 10.74 -3.28 14.57
C TRP A 135 11.84 -3.07 15.61
N LYS A 136 11.93 -3.95 16.60
CA LYS A 136 13.02 -3.87 17.58
C LYS A 136 14.25 -4.70 17.21
N ALA A 137 14.20 -5.44 16.10
CA ALA A 137 15.39 -6.16 15.61
C ALA A 137 16.57 -5.19 15.54
N PRO A 138 17.78 -5.64 15.95
CA PRO A 138 18.95 -4.77 15.88
C PRO A 138 19.19 -4.11 14.51
N LEU A 139 18.90 -4.83 13.42
CA LEU A 139 19.07 -4.30 12.06
C LEU A 139 17.72 -4.04 11.36
N ALA A 140 16.70 -3.71 12.15
CA ALA A 140 15.35 -3.55 11.64
C ALA A 140 15.29 -2.65 10.40
N GLU A 141 15.87 -1.46 10.50
CA GLU A 141 15.77 -0.46 9.43
C GLU A 141 16.41 -0.93 8.13
N GLU A 142 17.66 -1.39 8.22
CA GLU A 142 18.40 -1.97 7.10
C GLU A 142 17.62 -3.10 6.38
N TRP A 143 17.05 -4.04 7.15
CA TRP A 143 16.26 -5.13 6.57
C TRP A 143 14.90 -4.70 6.02
N ASP A 144 14.31 -3.67 6.62
CA ASP A 144 13.02 -3.15 6.19
C ASP A 144 13.10 -2.27 4.92
N ASN A 145 14.28 -1.75 4.63
CA ASN A 145 14.49 -0.82 3.53
C ASN A 145 14.90 -1.52 2.22
N MET A 146 14.58 -2.82 2.16
CA MET A 146 15.12 -3.77 1.24
C MET A 146 13.99 -4.74 0.97
N THR A 147 13.79 -5.12 -0.28
CA THR A 147 12.79 -6.12 -0.63
C THR A 147 13.38 -7.53 -0.46
N MET A 148 12.50 -8.54 -0.41
CA MET A 148 12.96 -9.93 -0.43
C MET A 148 13.79 -10.25 -1.67
N LYS A 149 13.48 -9.60 -2.79
CA LYS A 149 14.22 -9.75 -4.04
C LYS A 149 15.69 -9.31 -3.93
N GLU A 150 15.93 -8.14 -3.35
CA GLU A 150 17.28 -7.70 -2.99
C GLU A 150 18.00 -8.68 -2.03
N LEU A 151 17.29 -9.17 -1.01
CA LEU A 151 17.91 -10.14 -0.11
C LEU A 151 18.30 -11.45 -0.81
N LEU A 152 17.43 -11.97 -1.68
CA LEU A 152 17.75 -13.16 -2.48
C LEU A 152 18.92 -12.96 -3.43
N ASP A 153 18.96 -11.82 -4.12
CA ASP A 153 20.09 -11.45 -5.00
C ASP A 153 21.45 -11.46 -4.27
N LYS A 154 21.47 -11.01 -3.02
CA LYS A 154 22.71 -11.00 -2.24
C LYS A 154 23.11 -12.38 -1.69
N LEU A 155 22.12 -13.19 -1.34
CA LEU A 155 22.37 -14.43 -0.60
C LEU A 155 22.62 -15.63 -1.50
N CYS A 156 21.83 -15.75 -2.57
CA CYS A 156 21.87 -16.92 -3.43
C CYS A 156 22.89 -16.75 -4.53
N TRP A 157 23.90 -17.62 -4.51
CA TRP A 157 24.95 -17.63 -5.51
C TRP A 157 24.67 -18.56 -6.68
N THR A 158 23.51 -19.24 -6.64
CA THR A 158 23.05 -20.07 -7.75
C THR A 158 21.63 -19.69 -8.16
N GLU A 159 21.34 -19.79 -9.47
CA GLU A 159 19.98 -19.52 -9.95
C GLU A 159 18.99 -20.52 -9.36
N SER A 160 19.48 -21.71 -9.06
CA SER A 160 18.66 -22.82 -8.59
C SER A 160 18.10 -22.55 -7.19
N ALA A 161 18.94 -22.03 -6.31
CA ALA A 161 18.50 -21.63 -4.98
C ALA A 161 17.57 -20.43 -5.04
N LYS A 162 17.86 -19.50 -5.96
CA LYS A 162 17.09 -18.27 -6.08
C LYS A 162 15.67 -18.57 -6.60
N GLN A 163 15.59 -19.49 -7.55
CA GLN A 163 14.31 -19.96 -8.10
C GLN A 163 13.44 -20.60 -7.01
N LEU A 164 14.01 -21.51 -6.22
CA LEU A 164 13.26 -22.18 -5.17
C LEU A 164 12.84 -21.22 -4.03
N ALA A 165 13.75 -20.33 -3.63
CA ALA A 165 13.45 -19.31 -2.63
C ALA A 165 12.33 -18.36 -3.07
N THR A 166 12.34 -17.99 -4.35
CA THR A 166 11.28 -17.17 -4.95
C THR A 166 9.91 -17.85 -4.87
N LEU A 167 9.87 -19.13 -5.22
CA LEU A 167 8.62 -19.87 -5.20
C LEU A 167 8.13 -20.01 -3.75
N PHE A 168 9.08 -20.23 -2.83
CA PHE A 168 8.81 -20.21 -1.39
C PHE A 168 8.13 -18.90 -0.92
N VAL A 169 8.67 -17.75 -1.31
CA VAL A 169 8.04 -16.46 -0.97
C VAL A 169 6.64 -16.33 -1.57
N ASN A 170 6.51 -16.60 -2.87
CA ASN A 170 5.19 -16.54 -3.53
C ASN A 170 4.15 -17.40 -2.81
N LEU A 171 4.50 -18.63 -2.44
CA LEU A 171 3.57 -19.56 -1.79
C LEU A 171 3.22 -19.16 -0.35
N CYS A 172 4.20 -18.69 0.43
CA CYS A 172 3.96 -18.29 1.82
C CYS A 172 3.06 -17.07 1.98
N VAL A 173 3.23 -16.06 1.11
CA VAL A 173 2.58 -14.76 1.31
C VAL A 173 1.86 -14.21 0.04
N THR A 174 1.68 -15.08 -0.97
CA THR A 174 0.96 -14.73 -2.22
C THR A 174 1.34 -13.35 -2.77
N ALA A 175 2.64 -13.08 -2.80
CA ALA A 175 3.17 -11.83 -3.29
C ALA A 175 4.52 -12.08 -3.94
N GLU A 176 4.93 -11.15 -4.80
CA GLU A 176 6.22 -11.24 -5.47
C GLU A 176 7.31 -10.84 -4.49
N THR A 177 8.51 -11.36 -4.71
CA THR A 177 9.66 -10.98 -3.89
C THR A 177 9.97 -9.49 -3.89
N HIS A 178 9.77 -8.84 -5.03
CA HIS A 178 10.03 -7.39 -5.13
C HIS A 178 8.95 -6.51 -4.48
N GLU A 179 7.84 -7.12 -4.03
CA GLU A 179 6.74 -6.37 -3.43
C GLU A 179 6.84 -6.26 -1.91
N VAL A 180 7.54 -7.22 -1.30
CA VAL A 180 7.54 -7.34 0.17
C VAL A 180 8.87 -6.93 0.87
N SER A 181 8.72 -6.29 2.03
CA SER A 181 9.85 -6.01 2.90
C SER A 181 10.61 -7.29 3.33
N ALA A 182 11.94 -7.22 3.38
CA ALA A 182 12.72 -8.36 3.85
C ALA A 182 12.51 -8.60 5.35
N LEU A 183 12.51 -7.52 6.16
CA LEU A 183 12.19 -7.60 7.59
C LEU A 183 10.82 -8.23 7.83
N TRP A 184 9.80 -7.77 7.11
CA TRP A 184 8.46 -8.35 7.30
C TRP A 184 8.40 -9.85 7.01
N PHE A 185 9.01 -10.26 5.89
CA PHE A 185 8.96 -11.65 5.50
C PHE A 185 9.73 -12.58 6.46
N LEU A 186 10.89 -12.12 6.93
CA LEU A 186 11.70 -12.86 7.90
C LEU A 186 11.00 -12.98 9.27
N TRP A 187 10.30 -11.92 9.67
CA TRP A 187 9.41 -11.95 10.82
C TRP A 187 8.30 -12.98 10.61
N TYR A 188 7.61 -12.91 9.46
CA TYR A 188 6.45 -13.75 9.18
C TYR A 188 6.79 -15.26 9.28
N VAL A 189 7.96 -15.64 8.79
CA VAL A 189 8.40 -17.02 8.80
C VAL A 189 8.78 -17.43 10.22
N LYS A 190 9.61 -16.62 10.87
CA LYS A 190 9.98 -16.79 12.28
C LYS A 190 8.76 -17.02 13.22
N GLN A 191 7.73 -16.19 13.09
CA GLN A 191 6.60 -16.25 14.02
C GLN A 191 5.67 -17.45 13.76
N CYS A 192 5.89 -18.16 12.64
CA CYS A 192 5.30 -19.47 12.41
C CYS A 192 6.19 -20.62 12.89
N GLY A 193 7.31 -20.32 13.53
CA GLY A 193 8.20 -21.39 13.98
C GLY A 193 9.38 -21.74 13.05
N GLY A 194 9.54 -21.01 11.94
CA GLY A 194 10.69 -21.18 11.06
C GLY A 194 10.39 -21.87 9.73
N THR A 195 11.40 -21.97 8.86
CA THR A 195 11.20 -22.44 7.48
C THR A 195 10.61 -23.84 7.38
N THR A 196 11.15 -24.76 8.19
CA THR A 196 10.69 -26.15 8.20
C THR A 196 9.22 -26.29 8.62
N ARG A 197 8.85 -25.65 9.72
CA ARG A 197 7.51 -25.73 10.26
C ARG A 197 6.49 -25.12 9.29
N ILE A 198 6.85 -24.02 8.65
CA ILE A 198 5.90 -23.35 7.77
C ILE A 198 5.62 -24.16 6.50
N ILE A 199 6.65 -24.80 5.92
CA ILE A 199 6.50 -25.53 4.65
C ILE A 199 6.03 -26.98 4.74
N SER A 200 6.17 -27.61 5.88
CA SER A 200 5.90 -29.06 5.95
C SER A 200 4.41 -29.43 5.96
N THR A 201 4.12 -30.61 5.42
CA THR A 201 2.85 -31.27 5.64
C THR A 201 2.96 -32.05 6.97
N THR A 202 3.61 -33.21 6.94
CA THR A 202 3.88 -33.96 8.17
C THR A 202 4.70 -33.07 9.11
N ASN A 203 4.21 -32.92 10.34
CA ASN A 203 4.86 -32.06 11.36
C ASN A 203 4.93 -30.53 11.08
N GLY A 204 4.09 -30.06 10.16
CA GLY A 204 4.06 -28.64 9.82
C GLY A 204 2.67 -28.07 9.59
N GLY A 205 2.63 -26.83 9.11
CA GLY A 205 1.39 -26.10 8.84
C GLY A 205 0.32 -26.80 8.01
N GLN A 206 0.72 -27.77 7.18
CA GLN A 206 -0.24 -28.39 6.26
C GLN A 206 -0.63 -29.82 6.62
N GLU A 207 -0.39 -30.23 7.86
CA GLU A 207 -0.59 -31.62 8.24
C GLU A 207 -2.04 -32.05 8.09
N ARG A 208 -2.97 -31.19 8.47
CA ARG A 208 -4.35 -31.61 8.65
C ARG A 208 -5.41 -30.64 8.10
N LYS A 209 -6.62 -31.18 7.94
CA LYS A 209 -7.82 -30.38 7.67
C LYS A 209 -8.93 -30.82 8.61
N PHE A 210 -9.98 -30.01 8.70
CA PHE A 210 -11.16 -30.38 9.47
C PHE A 210 -12.13 -31.21 8.66
N VAL A 211 -12.58 -32.32 9.25
CA VAL A 211 -13.67 -33.12 8.69
C VAL A 211 -14.90 -32.23 8.58
N GLY A 212 -15.43 -32.10 7.36
CA GLY A 212 -16.61 -31.25 7.12
C GLY A 212 -16.29 -29.81 6.73
N GLY A 213 -15.02 -29.41 6.85
CA GLY A 213 -14.62 -28.06 6.45
C GLY A 213 -14.41 -27.08 7.59
N SER A 214 -13.51 -26.12 7.38
CA SER A 214 -13.12 -25.14 8.39
C SER A 214 -14.19 -24.07 8.61
N GLY A 215 -15.09 -23.91 7.64
CA GLY A 215 -16.20 -22.98 7.78
C GLY A 215 -17.11 -23.32 8.96
N GLN A 216 -17.01 -24.54 9.47
CA GLN A 216 -17.84 -24.98 10.60
C GLN A 216 -17.46 -24.28 11.90
N VAL A 217 -16.22 -23.81 11.99
CA VAL A 217 -15.76 -23.08 13.18
C VAL A 217 -16.62 -21.85 13.43
N SER A 218 -16.71 -20.97 12.43
CA SER A 218 -17.52 -19.78 12.54
C SER A 218 -19.03 -20.06 12.64
N GLU A 219 -19.51 -21.03 11.86
CA GLU A 219 -20.93 -21.39 11.84
C GLU A 219 -21.40 -21.90 13.22
N ARG A 220 -20.58 -22.74 13.86
CA ARG A 220 -20.94 -23.28 15.17
C ARG A 220 -20.91 -22.23 16.28
N ILE A 221 -20.00 -21.26 16.18
CA ILE A 221 -20.00 -20.15 17.15
C ILE A 221 -21.26 -19.29 16.94
N MET A 222 -21.63 -19.06 15.68
CA MET A 222 -22.89 -18.39 15.38
C MET A 222 -24.10 -19.15 15.98
N ASP A 223 -24.09 -20.49 15.91
CA ASP A 223 -25.16 -21.29 16.53
C ASP A 223 -25.25 -21.05 18.04
N LEU A 224 -24.10 -20.99 18.71
CA LEU A 224 -24.03 -20.68 20.14
C LEU A 224 -24.55 -19.28 20.48
N LEU A 225 -24.32 -18.30 19.59
CA LEU A 225 -24.63 -16.90 19.90
C LEU A 225 -26.07 -16.52 19.52
N GLY A 226 -26.69 -17.34 18.68
CA GLY A 226 -28.05 -17.08 18.20
C GLY A 226 -28.20 -15.75 17.49
N ASP A 227 -29.20 -14.98 17.93
CA ASP A 227 -29.60 -13.72 17.28
C ASP A 227 -28.59 -12.58 17.45
N ARG A 228 -27.58 -12.80 18.28
CA ARG A 228 -26.53 -11.80 18.52
C ARG A 228 -25.66 -11.52 17.28
N VAL A 229 -25.72 -12.40 16.28
CA VAL A 229 -24.97 -12.21 15.04
C VAL A 229 -25.86 -11.59 13.96
N LYS A 230 -25.44 -10.45 13.43
CA LYS A 230 -26.21 -9.70 12.44
C LYS A 230 -25.54 -9.77 11.09
N LEU A 231 -26.17 -10.51 10.18
CA LEU A 231 -25.65 -10.68 8.84
C LEU A 231 -26.08 -9.54 7.94
N GLU A 232 -25.26 -9.24 6.93
CA GLU A 232 -25.52 -8.13 6.01
C GLU A 232 -25.66 -6.80 6.75
N ARG A 233 -24.77 -6.58 7.71
CA ARG A 233 -24.64 -5.31 8.41
C ARG A 233 -23.21 -4.78 8.26
N PRO A 234 -22.84 -4.28 7.06
CA PRO A 234 -21.51 -3.65 6.93
C PRO A 234 -21.46 -2.37 7.75
N VAL A 235 -20.43 -2.23 8.60
CA VAL A 235 -20.21 -1.02 9.37
C VAL A 235 -19.64 0.09 8.47
N ILE A 236 -20.21 1.29 8.61
CA ILE A 236 -19.79 2.47 7.83
C ILE A 236 -19.28 3.63 8.68
N TYR A 237 -19.53 3.57 9.99
CA TYR A 237 -19.36 4.73 10.84
C TYR A 237 -19.22 4.39 12.31
N ILE A 238 -18.13 4.88 12.92
CA ILE A 238 -17.92 4.76 14.35
C ILE A 238 -17.72 6.13 15.01
N ASP A 239 -18.59 6.43 15.98
CA ASP A 239 -18.56 7.66 16.73
C ASP A 239 -18.16 7.42 18.19
N GLN A 240 -17.05 8.04 18.59
CA GLN A 240 -16.51 7.92 19.96
C GLN A 240 -16.54 9.23 20.76
N THR A 241 -17.18 10.27 20.21
CA THR A 241 -17.24 11.58 20.87
C THR A 241 -18.13 11.61 22.14
N ARG A 242 -19.05 10.66 22.27
CA ARG A 242 -19.98 10.63 23.41
C ARG A 242 -19.69 9.53 24.43
N GLU A 243 -20.55 9.43 25.44
CA GLU A 243 -20.39 8.50 26.57
C GLU A 243 -20.30 7.05 26.12
N ASN A 244 -21.27 6.59 25.35
CA ASN A 244 -21.24 5.27 24.72
C ASN A 244 -20.80 5.41 23.25
N VAL A 245 -20.11 4.38 22.76
CA VAL A 245 -19.65 4.35 21.36
C VAL A 245 -20.84 4.04 20.45
N LEU A 246 -20.94 4.78 19.36
CA LEU A 246 -22.02 4.58 18.39
C LEU A 246 -21.46 3.93 17.12
N VAL A 247 -22.07 2.81 16.74
CA VAL A 247 -21.66 2.09 15.54
C VAL A 247 -22.81 2.02 14.56
N GLU A 248 -22.62 2.59 13.37
CA GLU A 248 -23.67 2.60 12.35
C GLU A 248 -23.38 1.65 11.18
N THR A 249 -24.44 0.98 10.68
CA THR A 249 -24.34 0.10 9.53
C THR A 249 -24.90 0.72 8.23
N LEU A 250 -24.55 0.13 7.10
CA LEU A 250 -24.99 0.58 5.78
C LEU A 250 -26.51 0.56 5.61
N ASN A 251 -27.17 -0.44 6.17
CA ASN A 251 -28.63 -0.55 6.13
C ASN A 251 -29.32 0.30 7.19
N HIS A 252 -28.59 1.28 7.73
CA HIS A 252 -29.15 2.30 8.63
C HIS A 252 -29.52 1.91 10.07
N GLU A 253 -28.93 0.83 10.59
CA GLU A 253 -29.10 0.50 12.00
C GLU A 253 -28.01 1.14 12.84
N MET A 254 -28.33 1.35 14.11
CA MET A 254 -27.42 1.96 15.06
C MET A 254 -27.23 1.03 16.25
N TYR A 255 -25.97 0.84 16.65
CA TYR A 255 -25.65 0.03 17.81
C TYR A 255 -24.87 0.88 18.80
N GLU A 256 -25.10 0.63 20.08
CA GLU A 256 -24.49 1.42 21.13
C GLU A 256 -23.79 0.47 22.11
N ALA A 257 -22.56 0.80 22.48
CA ALA A 257 -21.73 -0.11 23.26
C ALA A 257 -20.72 0.62 24.12
N LYS A 258 -20.17 -0.06 25.11
CA LYS A 258 -19.06 0.48 25.90
C LYS A 258 -17.72 0.40 25.11
N TYR A 259 -17.58 -0.66 24.33
CA TYR A 259 -16.34 -1.00 23.64
C TYR A 259 -16.60 -1.63 22.28
N VAL A 260 -15.64 -1.46 21.37
CA VAL A 260 -15.66 -2.07 20.05
C VAL A 260 -14.39 -2.87 19.80
N ILE A 261 -14.55 -4.07 19.22
CA ILE A 261 -13.42 -4.79 18.64
C ILE A 261 -13.56 -4.74 17.12
N SER A 262 -12.50 -4.26 16.47
CA SER A 262 -12.40 -4.30 15.03
C SER A 262 -11.70 -5.61 14.62
N ALA A 263 -12.45 -6.53 14.03
CA ALA A 263 -11.87 -7.84 13.68
C ALA A 263 -11.79 -8.05 12.14
N ILE A 264 -11.39 -6.99 11.44
CA ILE A 264 -11.31 -6.98 9.99
C ILE A 264 -9.85 -6.74 9.55
N PRO A 265 -9.46 -7.20 8.34
CA PRO A 265 -8.08 -6.87 7.87
C PRO A 265 -7.83 -5.37 8.00
N PRO A 266 -6.64 -4.97 8.48
CA PRO A 266 -6.34 -3.55 8.74
C PRO A 266 -6.76 -2.58 7.64
N THR A 267 -6.46 -2.88 6.37
CA THR A 267 -6.82 -1.94 5.31
C THR A 267 -8.34 -1.76 5.12
N LEU A 268 -9.13 -2.76 5.49
CA LEU A 268 -10.60 -2.65 5.41
C LEU A 268 -11.18 -1.69 6.44
N GLY A 269 -10.35 -1.29 7.41
CA GLY A 269 -10.65 -0.14 8.25
C GLY A 269 -10.97 1.12 7.46
N MET A 270 -10.48 1.19 6.21
CA MET A 270 -10.72 2.34 5.32
C MET A 270 -12.19 2.49 5.00
N LYS A 271 -12.93 1.39 5.04
CA LYS A 271 -14.36 1.41 4.71
C LYS A 271 -15.23 2.06 5.79
N ILE A 272 -14.63 2.48 6.88
CA ILE A 272 -15.36 3.04 8.03
C ILE A 272 -14.95 4.49 8.18
N HIS A 273 -15.95 5.34 8.39
CA HIS A 273 -15.73 6.77 8.64
C HIS A 273 -15.67 6.96 10.15
N PHE A 274 -14.61 7.60 10.64
CA PHE A 274 -14.42 7.75 12.08
C PHE A 274 -14.66 9.16 12.57
N ASN A 275 -15.24 9.25 13.77
CA ASN A 275 -15.45 10.52 14.47
C ASN A 275 -15.16 10.27 15.94
N PRO A 276 -14.08 10.90 16.48
CA PRO A 276 -13.18 11.86 15.80
C PRO A 276 -12.28 11.13 14.79
N PRO A 277 -11.61 11.87 13.91
CA PRO A 277 -10.74 11.17 12.95
C PRO A 277 -9.72 10.27 13.66
N LEU A 278 -9.31 9.20 12.99
CA LEU A 278 -8.22 8.36 13.53
C LEU A 278 -6.93 9.16 13.81
N PRO A 279 -6.14 8.75 14.80
CA PRO A 279 -4.83 9.41 14.97
C PRO A 279 -3.98 9.25 13.69
N MET A 280 -3.06 10.19 13.48
CA MET A 280 -2.25 10.25 12.26
C MET A 280 -1.59 8.94 11.80
N MET A 281 -0.95 8.22 12.72
CA MET A 281 -0.21 7.01 12.35
C MET A 281 -1.14 5.91 11.86
N ARG A 282 -2.25 5.67 12.56
CA ARG A 282 -3.24 4.70 12.06
C ARG A 282 -3.91 5.14 10.73
N ASN A 283 -4.28 6.40 10.63
CA ASN A 283 -4.88 6.98 9.41
C ASN A 283 -4.06 6.62 8.16
N GLN A 284 -2.74 6.76 8.25
CA GLN A 284 -1.84 6.44 7.13
C GLN A 284 -1.48 4.96 6.99
N MET A 285 -1.35 4.25 8.12
CA MET A 285 -1.02 2.81 8.11
C MET A 285 -2.03 1.99 7.30
N ILE A 286 -3.33 2.29 7.45
CA ILE A 286 -4.39 1.50 6.81
C ILE A 286 -4.46 1.67 5.29
N THR A 287 -3.65 2.57 4.76
CA THR A 287 -3.54 2.78 3.30
C THR A 287 -2.28 2.12 2.76
N ARG A 288 -1.46 1.55 3.65
CA ARG A 288 -0.13 1.02 3.29
C ARG A 288 -0.02 -0.50 3.38
N VAL A 289 -1.15 -1.18 3.59
CA VAL A 289 -1.10 -2.61 3.93
C VAL A 289 -2.06 -3.49 3.09
N PRO A 290 -1.65 -3.82 1.85
CA PRO A 290 -2.47 -4.64 0.96
C PRO A 290 -2.45 -6.11 1.34
N LEU A 291 -3.44 -6.86 0.86
CA LEU A 291 -3.43 -8.33 0.95
C LEU A 291 -2.97 -8.91 -0.40
N GLY A 292 -2.52 -10.15 -0.36
CA GLY A 292 -1.96 -10.81 -1.54
C GLY A 292 -3.04 -11.28 -2.48
N SER A 293 -2.61 -11.93 -3.56
CA SER A 293 -3.49 -12.32 -4.66
C SER A 293 -3.39 -13.82 -4.88
N VAL A 294 -4.54 -14.48 -4.89
CA VAL A 294 -4.57 -15.93 -5.08
C VAL A 294 -5.91 -16.43 -5.65
N ILE A 295 -5.85 -17.44 -6.51
CA ILE A 295 -7.02 -18.24 -6.87
C ILE A 295 -6.80 -19.65 -6.32
N LYS A 296 -7.72 -20.11 -5.47
CA LYS A 296 -7.69 -21.50 -5.03
C LYS A 296 -8.53 -22.34 -5.98
N CYS A 297 -7.94 -23.39 -6.57
CA CYS A 297 -8.60 -24.25 -7.55
C CYS A 297 -8.59 -25.75 -7.18
N ILE A 298 -9.74 -26.41 -7.31
CA ILE A 298 -9.84 -27.85 -7.05
C ILE A 298 -10.40 -28.64 -8.25
N VAL A 299 -9.59 -29.56 -8.77
CA VAL A 299 -9.99 -30.40 -9.92
C VAL A 299 -10.28 -31.80 -9.41
N TYR A 300 -11.48 -32.29 -9.73
CA TYR A 300 -11.95 -33.61 -9.28
C TYR A 300 -11.74 -34.67 -10.35
N TYR A 301 -11.43 -35.87 -9.88
CA TYR A 301 -11.24 -37.03 -10.73
C TYR A 301 -12.00 -38.22 -10.21
N LYS A 302 -12.25 -39.18 -11.09
CA LYS A 302 -12.91 -40.44 -10.72
C LYS A 302 -12.15 -41.19 -9.60
N GLU A 303 -10.83 -41.13 -9.63
CA GLU A 303 -9.98 -41.85 -8.68
C GLU A 303 -8.68 -41.10 -8.38
N PRO A 304 -8.08 -41.32 -7.19
CA PRO A 304 -6.79 -40.69 -6.93
C PRO A 304 -5.68 -41.47 -7.65
N PHE A 305 -5.66 -41.32 -8.97
CA PHE A 305 -4.81 -42.14 -9.85
C PHE A 305 -3.30 -41.94 -9.65
N TRP A 306 -2.92 -40.78 -9.11
CA TRP A 306 -1.50 -40.48 -8.83
C TRP A 306 -0.87 -41.42 -7.80
N ARG A 307 -1.68 -41.89 -6.85
CA ARG A 307 -1.23 -42.85 -5.83
C ARG A 307 -0.77 -44.17 -6.43
N LYS A 308 -1.37 -44.56 -7.56
CA LYS A 308 -1.02 -45.80 -8.25
C LYS A 308 0.38 -45.75 -8.84
N LYS A 309 0.82 -44.52 -9.17
CA LYS A 309 2.18 -44.26 -9.65
C LYS A 309 3.17 -43.92 -8.53
N ASP A 310 2.71 -44.08 -7.28
CA ASP A 310 3.53 -43.77 -6.09
C ASP A 310 3.84 -42.27 -5.99
N TYR A 311 2.84 -41.44 -6.30
CA TYR A 311 2.83 -40.02 -5.98
C TYR A 311 1.74 -39.68 -4.96
N CYS A 312 2.05 -38.92 -3.92
CA CYS A 312 1.01 -38.50 -2.97
C CYS A 312 0.08 -37.43 -3.51
N GLY A 313 0.57 -36.63 -4.46
CA GLY A 313 -0.24 -35.58 -5.07
C GLY A 313 0.30 -34.20 -4.76
N THR A 314 1.37 -34.15 -3.97
CA THR A 314 2.10 -32.90 -3.73
C THR A 314 3.06 -32.61 -4.88
N MET A 315 2.90 -31.43 -5.46
CA MET A 315 3.78 -31.01 -6.54
C MET A 315 4.32 -29.62 -6.21
N ILE A 316 5.65 -29.47 -6.35
CA ILE A 316 6.31 -28.18 -6.29
C ILE A 316 6.78 -27.87 -7.72
N ILE A 317 6.15 -26.88 -8.35
CA ILE A 317 6.27 -26.69 -9.79
C ILE A 317 6.90 -25.34 -10.13
N ASP A 318 8.13 -25.34 -10.64
CA ASP A 318 8.82 -24.10 -11.00
C ASP A 318 8.60 -23.76 -12.46
N GLY A 319 8.72 -22.49 -12.80
CA GLY A 319 8.55 -22.05 -14.17
C GLY A 319 7.48 -20.98 -14.34
N GLU A 320 7.74 -20.03 -15.24
CA GLU A 320 6.78 -18.97 -15.55
C GLU A 320 5.53 -19.51 -16.26
N GLU A 321 5.70 -20.59 -17.01
CA GLU A 321 4.62 -21.15 -17.82
C GLU A 321 3.56 -21.88 -16.97
N ALA A 322 3.97 -22.49 -15.88
CA ALA A 322 3.05 -23.18 -15.00
C ALA A 322 2.06 -22.21 -14.31
N PRO A 323 0.75 -22.39 -14.54
CA PRO A 323 -0.25 -21.56 -13.84
C PRO A 323 -0.27 -21.79 -12.31
N VAL A 324 0.00 -23.03 -11.89
CA VAL A 324 -0.03 -23.44 -10.48
C VAL A 324 1.37 -23.88 -10.06
N ALA A 325 1.85 -23.35 -8.94
CA ALA A 325 3.20 -23.64 -8.44
C ALA A 325 3.23 -24.67 -7.29
N TYR A 326 2.07 -24.92 -6.68
CA TYR A 326 1.98 -25.84 -5.57
C TYR A 326 0.62 -26.53 -5.47
N THR A 327 0.63 -27.84 -5.30
CA THR A 327 -0.59 -28.64 -5.19
C THR A 327 -0.51 -29.58 -4.00
N LEU A 328 -1.68 -29.99 -3.52
CA LEU A 328 -1.85 -31.05 -2.51
C LEU A 328 -3.04 -31.96 -2.88
N ASP A 329 -2.92 -33.23 -2.55
CA ASP A 329 -4.05 -34.18 -2.59
C ASP A 329 -5.21 -33.62 -1.76
N ASP A 330 -6.40 -33.52 -2.33
CA ASP A 330 -7.58 -33.02 -1.60
C ASP A 330 -8.70 -34.07 -1.55
N THR A 331 -8.33 -35.33 -1.78
CA THR A 331 -9.22 -36.47 -1.58
C THR A 331 -9.71 -36.54 -0.11
N LYS A 332 -10.97 -36.95 0.06
CA LYS A 332 -11.59 -37.10 1.38
C LYS A 332 -10.91 -38.23 2.14
N PRO A 333 -10.98 -38.20 3.49
CA PRO A 333 -10.25 -39.23 4.24
C PRO A 333 -10.75 -40.65 3.96
N GLU A 334 -11.99 -40.77 3.46
CA GLU A 334 -12.56 -42.07 3.13
C GLU A 334 -12.05 -42.62 1.77
N GLY A 335 -11.33 -41.79 1.02
CA GLY A 335 -10.74 -42.21 -0.24
C GLY A 335 -11.57 -41.88 -1.46
N ASN A 336 -12.71 -41.21 -1.25
CA ASN A 336 -13.55 -40.79 -2.38
C ASN A 336 -13.50 -39.27 -2.63
N TYR A 337 -14.21 -38.81 -3.67
CA TYR A 337 -14.12 -37.44 -4.20
C TYR A 337 -12.67 -37.03 -4.46
N ALA A 338 -11.94 -37.90 -5.18
CA ALA A 338 -10.56 -37.68 -5.56
C ALA A 338 -10.40 -36.30 -6.17
N ALA A 339 -9.41 -35.55 -5.70
CA ALA A 339 -9.21 -34.18 -6.12
C ALA A 339 -7.77 -33.72 -5.90
N ILE A 340 -7.34 -32.80 -6.75
CA ILE A 340 -6.08 -32.06 -6.57
C ILE A 340 -6.41 -30.60 -6.30
N MET A 341 -5.93 -30.07 -5.18
CA MET A 341 -5.97 -28.65 -4.86
C MET A 341 -4.67 -27.97 -5.32
N GLY A 342 -4.81 -26.80 -5.96
CA GLY A 342 -3.65 -26.02 -6.35
C GLY A 342 -3.89 -24.54 -6.16
N PHE A 343 -2.81 -23.80 -5.91
CA PHE A 343 -2.87 -22.33 -5.82
C PHE A 343 -2.31 -21.65 -7.06
N ILE A 344 -3.07 -20.69 -7.60
CA ILE A 344 -2.54 -19.77 -8.62
C ILE A 344 -2.12 -18.50 -7.88
N LEU A 345 -0.82 -18.21 -7.88
CA LEU A 345 -0.25 -17.19 -6.94
C LEU A 345 0.15 -15.85 -7.53
N ALA A 346 -0.10 -14.76 -6.78
CA ALA A 346 0.48 -13.43 -7.03
C ALA A 346 0.20 -12.92 -8.46
N HIS A 347 1.23 -12.64 -9.26
CA HIS A 347 0.99 -12.09 -10.63
C HIS A 347 0.23 -13.04 -11.59
N LYS A 348 0.36 -14.36 -11.40
CA LYS A 348 -0.43 -15.30 -12.20
C LYS A 348 -1.93 -15.25 -11.89
N ALA A 349 -2.27 -14.90 -10.64
CA ALA A 349 -3.68 -14.75 -10.28
C ALA A 349 -4.27 -13.57 -11.07
N ARG A 350 -3.51 -12.47 -11.15
CA ARG A 350 -3.88 -11.31 -11.96
C ARG A 350 -4.03 -11.66 -13.43
N LYS A 351 -3.02 -12.33 -13.98
CA LYS A 351 -2.96 -12.70 -15.40
C LYS A 351 -4.07 -13.67 -15.81
N LEU A 352 -4.26 -14.75 -15.05
CA LEU A 352 -5.20 -15.82 -15.44
C LEU A 352 -6.67 -15.57 -15.07
N ALA A 353 -6.93 -14.53 -14.29
CA ALA A 353 -8.30 -14.11 -13.99
C ALA A 353 -9.07 -13.63 -15.21
N ARG A 354 -8.36 -13.22 -16.26
CA ARG A 354 -8.96 -12.80 -17.53
C ARG A 354 -9.68 -13.94 -18.25
N LEU A 355 -9.22 -15.17 -18.02
CA LEU A 355 -9.73 -16.33 -18.73
C LEU A 355 -11.09 -16.73 -18.19
N THR A 356 -11.80 -17.61 -18.89
CA THR A 356 -13.01 -18.21 -18.34
C THR A 356 -12.67 -19.37 -17.40
N LYS A 357 -13.64 -19.79 -16.61
CA LYS A 357 -13.53 -20.93 -15.72
C LYS A 357 -13.04 -22.19 -16.48
N GLU A 358 -13.61 -22.41 -17.66
CA GLU A 358 -13.29 -23.57 -18.51
C GLU A 358 -11.85 -23.50 -19.06
N GLU A 359 -11.43 -22.32 -19.49
CA GLU A 359 -10.05 -22.10 -19.95
C GLU A 359 -9.02 -22.37 -18.85
N ARG A 360 -9.31 -22.00 -17.61
CA ARG A 360 -8.41 -22.28 -16.47
C ARG A 360 -8.36 -23.78 -16.13
N LEU A 361 -9.51 -24.45 -16.17
CA LEU A 361 -9.56 -25.90 -15.98
C LEU A 361 -8.67 -26.64 -16.95
N LYS A 362 -8.75 -26.28 -18.23
CA LYS A 362 -7.97 -26.90 -19.29
C LYS A 362 -6.45 -26.71 -19.07
N LYS A 363 -6.04 -25.50 -18.69
CA LYS A 363 -4.63 -25.20 -18.41
C LYS A 363 -4.05 -26.01 -17.26
N LEU A 364 -4.84 -26.22 -16.22
CA LEU A 364 -4.43 -27.00 -15.05
C LEU A 364 -4.27 -28.48 -15.38
N CYS A 365 -5.27 -29.04 -16.04
CA CYS A 365 -5.25 -30.46 -16.42
C CYS A 365 -4.05 -30.77 -17.29
N GLU A 366 -3.74 -29.89 -18.22
CA GLU A 366 -2.60 -30.08 -19.11
C GLU A 366 -1.26 -29.99 -18.37
N LEU A 367 -1.21 -29.10 -17.38
CA LEU A 367 -0.07 -29.03 -16.48
C LEU A 367 0.08 -30.29 -15.62
N TYR A 368 -1.00 -30.70 -14.95
CA TYR A 368 -0.98 -31.91 -14.10
C TYR A 368 -0.60 -33.13 -14.92
N ALA A 369 -1.08 -33.20 -16.15
CA ALA A 369 -0.74 -34.31 -17.05
C ALA A 369 0.77 -34.42 -17.32
N LYS A 370 1.43 -33.29 -17.57
CA LYS A 370 2.91 -33.28 -17.71
C LYS A 370 3.60 -33.62 -16.41
N VAL A 371 3.20 -32.96 -15.32
CA VAL A 371 3.90 -33.13 -14.05
C VAL A 371 3.79 -34.56 -13.53
N LEU A 372 2.59 -35.12 -13.57
CA LEU A 372 2.32 -36.48 -13.08
C LEU A 372 2.62 -37.57 -14.14
N GLY A 373 2.94 -37.16 -15.37
CA GLY A 373 3.10 -38.08 -16.49
C GLY A 373 1.89 -38.97 -16.78
N SER A 374 0.69 -38.39 -16.67
CA SER A 374 -0.54 -39.18 -16.75
C SER A 374 -1.62 -38.53 -17.61
N LEU A 375 -2.02 -39.23 -18.67
CA LEU A 375 -3.21 -38.85 -19.45
C LEU A 375 -4.54 -38.81 -18.68
N GLU A 376 -4.63 -39.57 -17.58
CA GLU A 376 -5.84 -39.56 -16.71
C GLU A 376 -6.15 -38.15 -16.19
N ALA A 377 -5.10 -37.33 -16.00
CA ALA A 377 -5.24 -35.95 -15.54
C ALA A 377 -6.02 -35.06 -16.49
N LEU A 378 -6.22 -35.53 -17.73
CA LEU A 378 -6.94 -34.77 -18.76
C LEU A 378 -8.44 -35.05 -18.75
N GLU A 379 -8.90 -35.88 -17.82
CA GLU A 379 -10.32 -36.25 -17.74
C GLU A 379 -11.00 -35.89 -16.41
N PRO A 380 -11.08 -34.58 -16.09
CA PRO A 380 -11.66 -34.18 -14.79
C PRO A 380 -13.17 -34.47 -14.77
N VAL A 381 -13.75 -34.69 -13.57
CA VAL A 381 -15.21 -34.93 -13.47
C VAL A 381 -15.94 -33.70 -12.95
N HIS A 382 -15.21 -32.77 -12.36
CA HIS A 382 -15.77 -31.57 -11.73
C HIS A 382 -14.62 -30.58 -11.43
N TYR A 383 -14.98 -29.29 -11.30
CA TYR A 383 -14.01 -28.22 -11.01
C TYR A 383 -14.64 -27.18 -10.10
N GLU A 384 -13.94 -26.79 -9.04
CA GLU A 384 -14.32 -25.62 -8.23
C GLU A 384 -13.12 -24.67 -8.07
N GLU A 385 -13.41 -23.37 -7.96
CA GLU A 385 -12.38 -22.35 -7.79
C GLU A 385 -12.93 -21.11 -7.07
N LYS A 386 -12.04 -20.31 -6.49
CA LYS A 386 -12.41 -19.05 -5.87
C LYS A 386 -11.27 -18.05 -6.01
N ASN A 387 -11.55 -16.95 -6.71
CA ASN A 387 -10.63 -15.82 -6.78
C ASN A 387 -10.86 -14.90 -5.59
N TRP A 388 -9.90 -14.83 -4.68
CA TRP A 388 -10.07 -13.98 -3.50
C TRP A 388 -9.88 -12.46 -3.76
N CYS A 389 -9.21 -12.14 -4.87
CA CYS A 389 -8.92 -10.73 -5.26
C CYS A 389 -10.16 -9.89 -5.52
N GLU A 390 -11.27 -10.54 -5.83
CA GLU A 390 -12.49 -9.84 -6.20
C GLU A 390 -13.40 -9.56 -4.99
N GLU A 391 -13.00 -10.03 -3.81
CA GLU A 391 -13.79 -9.89 -2.57
C GLU A 391 -13.66 -8.51 -1.91
N GLN A 392 -14.73 -7.74 -1.97
CA GLN A 392 -14.80 -6.40 -1.38
C GLN A 392 -14.51 -6.42 0.16
N TYR A 393 -14.95 -7.49 0.83
CA TYR A 393 -14.83 -7.57 2.29
C TYR A 393 -13.71 -8.49 2.76
N SER A 394 -12.81 -8.87 1.84
CA SER A 394 -11.54 -9.47 2.20
C SER A 394 -10.38 -8.63 1.64
N GLY A 395 -10.45 -8.29 0.36
CA GLY A 395 -9.40 -7.51 -0.33
C GLY A 395 -8.30 -8.35 -0.94
N GLY A 396 -8.32 -9.66 -0.64
CA GLY A 396 -7.34 -10.65 -1.10
C GLY A 396 -7.12 -11.77 -0.07
N CYS A 397 -6.07 -12.58 -0.29
CA CYS A 397 -5.71 -13.70 0.59
C CYS A 397 -4.23 -14.04 0.35
N TYR A 398 -3.55 -14.71 1.30
CA TYR A 398 -4.15 -15.20 2.57
C TYR A 398 -4.27 -14.06 3.58
N THR A 399 -3.33 -13.13 3.48
CA THR A 399 -3.16 -12.12 4.52
C THR A 399 -2.51 -10.83 4.01
N THR A 400 -2.27 -9.93 4.95
CA THR A 400 -1.70 -8.63 4.72
C THR A 400 -0.17 -8.76 4.62
N TYR A 401 0.41 -8.17 3.59
CA TYR A 401 1.87 -8.07 3.52
C TYR A 401 2.31 -6.60 3.71
N PHE A 402 3.54 -6.40 4.16
CA PHE A 402 4.09 -5.06 4.32
C PHE A 402 5.14 -4.79 3.25
N PRO A 403 4.92 -3.79 2.40
CA PRO A 403 5.94 -3.31 1.46
C PRO A 403 7.14 -2.72 2.23
N PRO A 404 8.28 -2.51 1.54
CA PRO A 404 9.47 -1.90 2.19
C PRO A 404 9.23 -0.58 2.89
N GLY A 405 9.77 -0.47 4.10
CA GLY A 405 9.75 0.76 4.88
C GLY A 405 8.56 0.92 5.82
N ILE A 406 7.56 0.06 5.67
CA ILE A 406 6.30 0.26 6.38
C ILE A 406 6.33 -0.30 7.80
N LEU A 407 6.84 -1.52 7.97
CA LEU A 407 6.81 -2.20 9.27
C LEU A 407 7.51 -1.41 10.37
N THR A 408 8.67 -0.82 10.05
CA THR A 408 9.41 -0.03 11.05
C THR A 408 8.78 1.33 11.34
N GLN A 409 8.11 1.93 10.35
CA GLN A 409 7.44 3.22 10.54
C GLN A 409 6.06 3.11 11.18
N TYR A 410 5.27 2.09 10.82
CA TYR A 410 3.87 2.01 11.27
C TYR A 410 3.51 0.74 12.05
N GLY A 411 4.42 -0.24 12.06
CA GLY A 411 4.21 -1.52 12.71
C GLY A 411 3.63 -1.45 14.11
N ARG A 412 4.20 -0.59 14.95
CA ARG A 412 3.84 -0.54 16.37
C ARG A 412 2.41 -0.06 16.70
N VAL A 413 1.66 0.27 15.65
CA VAL A 413 0.34 0.89 15.76
C VAL A 413 -0.79 -0.13 15.45
N LEU A 414 -0.44 -1.26 14.84
CA LEU A 414 -1.41 -2.29 14.43
C LEU A 414 -2.42 -2.70 15.50
N ARG A 415 -1.96 -3.02 16.70
CA ARG A 415 -2.87 -3.43 17.77
C ARG A 415 -2.97 -2.45 18.95
N GLN A 416 -2.50 -1.22 18.72
CA GLN A 416 -2.66 -0.13 19.65
C GLN A 416 -4.12 0.37 19.70
N PRO A 417 -4.76 0.28 20.89
CA PRO A 417 -6.15 0.73 21.02
C PRO A 417 -6.31 2.20 20.63
N VAL A 418 -7.42 2.51 19.98
CA VAL A 418 -7.80 3.89 19.71
C VAL A 418 -8.99 4.20 20.58
N ASP A 419 -8.74 4.82 21.74
CA ASP A 419 -9.77 5.09 22.76
C ASP A 419 -10.48 3.78 23.19
N ARG A 420 -11.71 3.56 22.73
CA ARG A 420 -12.48 2.37 23.12
C ARG A 420 -12.58 1.31 22.02
N ILE A 421 -11.78 1.49 20.96
CA ILE A 421 -11.65 0.49 19.90
C ILE A 421 -10.38 -0.33 20.08
N TYR A 422 -10.55 -1.65 20.12
CA TYR A 422 -9.47 -2.60 20.29
C TYR A 422 -9.35 -3.43 19.02
N PHE A 423 -8.15 -3.92 18.71
CA PHE A 423 -7.92 -4.54 17.40
C PHE A 423 -7.62 -6.04 17.45
N ALA A 424 -8.45 -6.82 16.78
CA ALA A 424 -8.24 -8.26 16.60
C ALA A 424 -7.94 -8.51 15.11
N GLY A 425 -8.24 -9.70 14.61
CA GLY A 425 -7.88 -10.09 13.25
C GLY A 425 -6.50 -10.73 13.22
N THR A 426 -6.32 -11.73 12.37
CA THR A 426 -5.09 -12.51 12.37
C THR A 426 -3.81 -11.67 12.18
N GLU A 427 -3.92 -10.52 11.49
CA GLU A 427 -2.73 -9.65 11.26
C GLU A 427 -2.08 -9.08 12.53
N THR A 428 -2.82 -9.09 13.63
CA THR A 428 -2.38 -8.56 14.92
C THR A 428 -1.85 -9.68 15.86
N ALA A 429 -1.82 -10.90 15.38
CA ALA A 429 -1.30 -12.00 16.19
C ALA A 429 0.22 -11.98 16.26
N THR A 430 0.78 -12.74 17.22
CA THR A 430 2.23 -12.84 17.38
C THR A 430 2.75 -14.25 17.12
N HIS A 431 1.85 -15.20 16.89
CA HIS A 431 2.25 -16.58 16.60
C HIS A 431 1.27 -17.12 15.56
N TRP A 432 1.78 -17.51 14.39
CA TRP A 432 0.93 -17.87 13.22
C TRP A 432 -0.02 -16.75 12.77
N SER A 433 0.44 -15.49 12.90
CA SER A 433 -0.23 -14.38 12.22
C SER A 433 -0.36 -14.73 10.73
N GLY A 434 -1.51 -14.40 10.13
CA GLY A 434 -1.83 -14.82 8.75
C GLY A 434 -2.69 -16.08 8.65
N TYR A 435 -2.72 -16.87 9.72
CA TYR A 435 -3.46 -18.16 9.76
C TYR A 435 -4.74 -18.10 10.61
N MET A 436 -5.54 -19.16 10.57
CA MET A 436 -6.69 -19.31 11.48
C MET A 436 -6.24 -19.37 12.96
N GLU A 437 -5.11 -20.02 13.22
CA GLU A 437 -4.49 -19.93 14.55
C GLU A 437 -4.36 -18.48 15.03
N GLY A 438 -3.82 -17.58 14.20
CA GLY A 438 -3.56 -16.20 14.63
C GLY A 438 -4.85 -15.41 14.87
N ALA A 439 -5.89 -15.76 14.11
CA ALA A 439 -7.21 -15.18 14.27
C ALA A 439 -7.74 -15.47 15.68
N VAL A 440 -7.56 -16.72 16.14
CA VAL A 440 -7.97 -17.14 17.49
C VAL A 440 -7.17 -16.40 18.57
N GLU A 441 -5.84 -16.47 18.49
CA GLU A 441 -4.97 -15.69 19.39
C GLU A 441 -5.45 -14.21 19.50
N ALA A 442 -5.59 -13.53 18.36
CA ALA A 442 -5.88 -12.09 18.33
C ALA A 442 -7.26 -11.73 18.86
N GLY A 443 -8.27 -12.53 18.48
CA GLY A 443 -9.64 -12.34 18.93
C GLY A 443 -9.77 -12.50 20.44
N GLU A 444 -9.15 -13.55 20.98
CA GLU A 444 -9.21 -13.84 22.40
C GLU A 444 -8.40 -12.84 23.25
N ARG A 445 -7.27 -12.38 22.70
CA ARG A 445 -6.46 -11.32 23.35
C ARG A 445 -7.17 -9.94 23.35
N ALA A 446 -7.76 -9.56 22.24
CA ALA A 446 -8.52 -8.29 22.20
C ALA A 446 -9.70 -8.29 23.19
N ALA A 447 -10.42 -9.42 23.27
CA ALA A 447 -11.50 -9.59 24.25
C ALA A 447 -11.01 -9.41 25.69
N ARG A 448 -9.83 -9.96 26.01
CA ARG A 448 -9.29 -9.86 27.38
C ARG A 448 -8.73 -8.47 27.67
N GLU A 449 -8.27 -7.77 26.65
CA GLU A 449 -7.92 -6.35 26.79
C GLU A 449 -9.13 -5.55 27.30
N ILE A 450 -10.31 -5.89 26.79
CA ILE A 450 -11.56 -5.24 27.21
C ILE A 450 -11.98 -5.65 28.62
N LEU A 451 -11.91 -6.95 28.93
CA LEU A 451 -12.17 -7.44 30.29
C LEU A 451 -11.26 -6.74 31.32
N HIS A 452 -10.01 -6.50 30.93
CA HIS A 452 -9.09 -5.78 31.79
C HIS A 452 -9.49 -4.32 31.98
N ALA A 453 -9.83 -3.63 30.88
CA ALA A 453 -10.33 -2.26 30.94
C ALA A 453 -11.56 -2.16 31.82
N MET A 454 -12.34 -3.22 31.89
CA MET A 454 -13.55 -3.27 32.71
C MET A 454 -13.28 -3.66 34.17
N GLY A 455 -12.01 -3.85 34.51
CA GLY A 455 -11.58 -4.26 35.86
C GLY A 455 -11.93 -5.69 36.24
N LYS A 456 -12.25 -6.52 35.25
CA LYS A 456 -12.68 -7.91 35.49
C LYS A 456 -11.54 -8.93 35.57
N ILE A 457 -10.36 -8.56 35.06
CA ILE A 457 -9.16 -9.42 35.12
C ILE A 457 -7.89 -8.57 35.31
N PRO A 458 -6.85 -9.15 35.94
CA PRO A 458 -5.54 -8.45 36.04
C PRO A 458 -4.80 -8.35 34.70
N GLU A 459 -3.96 -7.31 34.54
CA GLU A 459 -3.20 -7.05 33.31
C GLU A 459 -2.43 -8.30 32.85
N ASP A 460 -1.76 -8.89 33.83
CA ASP A 460 -1.24 -10.25 33.86
C ASP A 460 -1.94 -11.29 32.95
N GLU A 461 -3.25 -11.15 32.77
CA GLU A 461 -4.05 -12.19 32.12
C GLU A 461 -4.49 -11.90 30.68
N ILE A 462 -4.07 -10.75 30.14
CA ILE A 462 -4.42 -10.34 28.77
C ILE A 462 -3.80 -11.31 27.75
N TRP A 463 -2.52 -11.59 27.91
CA TRP A 463 -1.82 -12.56 27.06
C TRP A 463 -1.71 -13.89 27.79
N GLN A 464 -2.27 -14.94 27.19
CA GLN A 464 -2.42 -16.22 27.83
C GLN A 464 -1.76 -17.28 26.96
N SER A 465 -0.89 -18.10 27.57
CA SER A 465 -0.29 -19.23 26.89
C SER A 465 -1.31 -20.36 26.64
N GLU A 466 -1.01 -21.27 25.70
CA GLU A 466 -1.94 -22.35 25.33
C GLU A 466 -1.33 -23.74 25.53
N PRO A 467 -2.02 -24.62 26.28
CA PRO A 467 -1.52 -26.00 26.43
C PRO A 467 -1.40 -26.70 25.06
N GLU A 468 -0.41 -27.56 24.89
CA GLU A 468 -0.22 -28.30 23.65
C GLU A 468 -1.34 -29.32 23.40
N SER A 469 -1.85 -29.37 22.16
CA SER A 469 -2.87 -30.36 21.77
C SER A 469 -2.38 -31.79 22.03
N VAL A 470 -3.23 -32.63 22.64
CA VAL A 470 -2.87 -34.04 22.83
C VAL A 470 -3.13 -34.86 21.56
N ASP A 471 -4.03 -34.39 20.70
CA ASP A 471 -4.37 -35.08 19.46
C ASP A 471 -3.38 -34.79 18.33
N VAL A 472 -2.75 -33.61 18.37
CA VAL A 472 -1.82 -33.17 17.32
C VAL A 472 -0.49 -32.67 17.93
N PRO A 473 0.34 -33.61 18.41
CA PRO A 473 1.57 -33.22 19.09
C PRO A 473 2.67 -32.76 18.12
N ALA A 474 3.58 -31.91 18.59
CA ALA A 474 4.63 -31.38 17.75
C ALA A 474 5.98 -32.05 17.98
N GLN A 475 6.59 -32.55 16.90
CA GLN A 475 7.96 -33.01 16.96
C GLN A 475 8.84 -31.76 16.86
N PRO A 476 9.97 -31.72 17.58
CA PRO A 476 10.83 -30.55 17.49
C PRO A 476 11.56 -30.50 16.14
N ILE A 477 12.06 -29.31 15.79
CA ILE A 477 12.78 -29.13 14.54
C ILE A 477 14.28 -29.30 14.75
N THR A 478 14.86 -30.30 14.10
CA THR A 478 16.27 -30.63 14.32
C THR A 478 17.14 -30.28 13.12
N THR A 479 18.40 -29.93 13.38
CA THR A 479 19.40 -29.76 12.32
C THR A 479 20.61 -30.68 12.53
N THR A 480 21.18 -31.18 11.44
CA THR A 480 22.39 -32.01 11.53
C THR A 480 23.62 -31.15 11.74
N PHE A 481 24.71 -31.77 12.19
CA PHE A 481 26.02 -31.13 12.33
C PHE A 481 26.52 -30.49 11.03
N LEU A 482 26.40 -31.22 9.92
CA LEU A 482 26.82 -30.72 8.61
C LEU A 482 25.98 -29.53 8.18
N GLU A 483 24.66 -29.65 8.35
CA GLU A 483 23.72 -28.56 8.04
C GLU A 483 24.10 -27.26 8.75
N ARG A 484 24.46 -27.37 10.02
CA ARG A 484 24.89 -26.22 10.83
C ARG A 484 26.26 -25.63 10.47
N HIS A 485 27.21 -26.47 10.06
CA HIS A 485 28.59 -26.01 9.87
C HIS A 485 29.18 -25.99 8.46
N LEU A 486 28.49 -26.59 7.48
CA LEU A 486 28.95 -26.48 6.10
C LEU A 486 29.05 -24.98 5.74
N PRO A 487 30.11 -24.60 5.01
CA PRO A 487 30.25 -23.19 4.62
C PRO A 487 29.29 -22.76 3.50
N SER A 488 29.07 -21.44 3.39
CA SER A 488 28.37 -20.84 2.25
C SER A 488 29.27 -20.88 1.01
N VAL A 489 28.74 -20.50 -0.16
CA VAL A 489 29.57 -20.40 -1.36
C VAL A 489 30.71 -19.36 -1.17
N PRO A 490 30.39 -18.11 -0.76
CA PRO A 490 31.49 -17.17 -0.49
C PRO A 490 32.43 -17.63 0.63
N GLY A 491 31.90 -18.39 1.58
CA GLY A 491 32.70 -19.00 2.65
C GLY A 491 33.71 -20.03 2.17
N LEU A 492 33.30 -20.90 1.24
CA LEU A 492 34.23 -21.79 0.55
C LEU A 492 35.29 -21.02 -0.27
N LEU A 493 34.87 -19.94 -0.94
CA LEU A 493 35.79 -19.11 -1.72
C LEU A 493 36.83 -18.40 -0.84
N ARG A 494 36.40 -17.89 0.31
CA ARG A 494 37.33 -17.31 1.30
C ARG A 494 38.33 -18.35 1.78
N LEU A 495 37.82 -19.55 2.06
CA LEU A 495 38.63 -20.70 2.47
C LEU A 495 39.63 -21.16 1.39
N ILE A 496 39.38 -20.78 0.14
CA ILE A 496 40.31 -21.03 -0.96
C ILE A 496 41.33 -19.89 -1.10
N GLY A 497 40.90 -18.66 -0.85
CA GLY A 497 41.81 -17.53 -0.80
C GLY A 497 42.87 -17.68 0.27
N LEU A 498 42.47 -18.23 1.43
CA LEU A 498 43.34 -18.38 2.61
C LEU A 498 44.44 -19.42 2.45
N THR A 499 44.05 -20.62 2.03
CA THR A 499 45.00 -21.72 1.76
C THR A 499 46.10 -21.27 0.80
N THR A 500 45.71 -20.73 -0.36
CA THR A 500 46.66 -20.18 -1.33
C THR A 500 47.28 -18.86 -0.82
N ILE A 501 48.26 -19.00 0.07
CA ILE A 501 48.98 -17.90 0.74
C ILE A 501 49.57 -18.41 2.06
N ASN B 3 -31.67 15.05 -4.53
CA ASN B 3 -32.02 13.87 -5.38
C ASN B 3 -31.54 13.92 -6.85
N LYS B 4 -32.41 14.30 -7.80
CA LYS B 4 -32.14 14.02 -9.22
C LYS B 4 -31.28 15.05 -9.94
N CYS B 5 -30.38 14.57 -10.80
CA CYS B 5 -29.54 15.42 -11.63
C CYS B 5 -28.92 14.57 -12.74
N ASP B 6 -28.15 15.19 -13.65
CA ASP B 6 -27.42 14.46 -14.69
C ASP B 6 -26.12 13.80 -14.21
N VAL B 7 -25.30 14.55 -13.47
CA VAL B 7 -24.02 14.06 -12.95
C VAL B 7 -23.79 14.42 -11.47
N VAL B 8 -23.38 13.42 -10.69
CA VAL B 8 -22.85 13.63 -9.36
C VAL B 8 -21.32 13.59 -9.44
N VAL B 9 -20.68 14.64 -8.91
CA VAL B 9 -19.23 14.66 -8.76
C VAL B 9 -18.91 14.42 -7.28
N VAL B 10 -18.10 13.40 -7.01
CA VAL B 10 -17.67 13.11 -5.65
C VAL B 10 -16.30 13.75 -5.38
N GLY B 11 -16.27 14.73 -4.47
CA GLY B 11 -15.07 15.49 -4.16
C GLY B 11 -15.07 16.91 -4.73
N GLY B 12 -14.88 17.90 -3.86
CA GLY B 12 -14.78 19.28 -4.28
C GLY B 12 -13.41 19.91 -4.17
N GLY B 13 -12.36 19.18 -4.59
CA GLY B 13 -11.04 19.77 -4.71
C GLY B 13 -10.97 20.43 -6.07
N ILE B 14 -9.79 20.83 -6.52
CA ILE B 14 -9.64 21.44 -7.83
C ILE B 14 -10.18 20.54 -8.96
N SER B 15 -9.88 19.25 -8.90
CA SER B 15 -10.31 18.35 -9.97
C SER B 15 -11.86 18.22 -10.08
N GLY B 16 -12.52 18.00 -8.94
CA GLY B 16 -13.99 17.94 -8.89
C GLY B 16 -14.69 19.22 -9.30
N MET B 17 -14.18 20.36 -8.83
CA MET B 17 -14.66 21.68 -9.23
C MET B 17 -14.46 22.00 -10.71
N ALA B 18 -13.30 21.69 -11.29
CA ALA B 18 -13.08 21.89 -12.74
C ALA B 18 -14.03 21.03 -13.61
N ALA B 19 -14.26 19.78 -13.22
CA ALA B 19 -15.21 18.91 -13.92
C ALA B 19 -16.61 19.48 -13.85
N ALA B 20 -17.06 19.85 -12.64
CA ALA B 20 -18.43 20.37 -12.47
C ALA B 20 -18.65 21.69 -13.22
N LYS B 21 -17.64 22.57 -13.21
CA LYS B 21 -17.72 23.81 -13.98
C LYS B 21 -17.90 23.55 -15.47
N LEU B 22 -17.10 22.64 -16.02
CA LEU B 22 -17.20 22.27 -17.43
C LEU B 22 -18.61 21.75 -17.78
N LEU B 23 -19.10 20.78 -17.00
CA LEU B 23 -20.41 20.19 -17.21
C LEU B 23 -21.56 21.18 -17.07
N HIS B 24 -21.49 22.05 -16.05
CA HIS B 24 -22.44 23.15 -15.85
C HIS B 24 -22.45 24.10 -17.05
N ASP B 25 -21.26 24.50 -17.53
CA ASP B 25 -21.13 25.42 -18.67
C ASP B 25 -21.72 24.82 -19.95
N SER B 26 -21.77 23.49 -20.02
CA SER B 26 -22.37 22.75 -21.15
C SER B 26 -23.89 22.59 -21.05
N GLY B 27 -24.49 22.99 -19.93
CA GLY B 27 -25.94 22.90 -19.78
C GLY B 27 -26.49 21.75 -18.94
N LEU B 28 -25.62 20.85 -18.47
CA LEU B 28 -26.04 19.75 -17.63
C LEU B 28 -26.28 20.16 -16.18
N ASN B 29 -27.19 19.45 -15.51
CA ASN B 29 -27.41 19.64 -14.07
C ASN B 29 -26.44 18.79 -13.24
N VAL B 30 -25.62 19.45 -12.42
CA VAL B 30 -24.57 18.80 -11.68
C VAL B 30 -24.69 19.07 -10.19
N VAL B 31 -24.27 18.09 -9.39
CA VAL B 31 -24.16 18.22 -7.94
C VAL B 31 -22.73 17.78 -7.55
N VAL B 32 -22.11 18.55 -6.66
CA VAL B 32 -20.81 18.18 -6.09
C VAL B 32 -21.03 17.74 -4.65
N LEU B 33 -20.61 16.52 -4.32
CA LEU B 33 -20.71 16.04 -2.92
C LEU B 33 -19.34 16.09 -2.25
N GLU B 34 -19.21 16.95 -1.23
CA GLU B 34 -17.93 17.18 -0.55
C GLU B 34 -18.00 16.74 0.92
N ALA B 35 -17.02 15.93 1.34
CA ALA B 35 -16.98 15.35 2.69
C ALA B 35 -16.74 16.36 3.81
N ARG B 36 -15.87 17.35 3.56
CA ARG B 36 -15.50 18.38 4.53
C ARG B 36 -16.47 19.57 4.54
N ASP B 37 -16.26 20.46 5.52
CA ASP B 37 -17.04 21.68 5.67
C ASP B 37 -16.46 22.82 4.83
N ARG B 38 -15.60 22.45 3.88
CA ARG B 38 -14.96 23.42 2.97
C ARG B 38 -14.64 22.73 1.65
N VAL B 39 -14.49 23.53 0.59
CA VAL B 39 -13.95 23.02 -0.68
C VAL B 39 -12.41 23.21 -0.71
N GLY B 40 -11.73 22.60 -1.69
CA GLY B 40 -10.31 22.82 -1.91
C GLY B 40 -9.41 21.61 -1.75
N GLY B 41 -9.86 20.68 -0.90
CA GLY B 41 -9.08 19.48 -0.61
C GLY B 41 -7.64 19.69 -0.20
N ARG B 42 -6.70 19.29 -1.05
CA ARG B 42 -5.28 19.40 -0.75
C ARG B 42 -4.70 20.83 -0.93
N THR B 43 -5.55 21.78 -1.34
CA THR B 43 -5.28 23.19 -1.24
C THR B 43 -6.13 23.72 -0.10
N TYR B 44 -5.53 24.61 0.69
CA TYR B 44 -6.21 25.22 1.81
C TYR B 44 -5.54 26.56 2.13
N THR B 45 -6.28 27.66 1.99
CA THR B 45 -5.80 29.00 2.38
C THR B 45 -6.40 29.47 3.70
N LEU B 46 -5.52 29.68 4.69
CA LEU B 46 -5.87 30.24 6.00
C LEU B 46 -5.73 31.77 5.99
N ARG B 47 -6.77 32.44 6.49
CA ARG B 47 -6.75 33.89 6.70
C ARG B 47 -6.89 34.24 8.17
N ASN B 48 -5.94 35.04 8.65
CA ASN B 48 -6.06 35.68 9.95
C ASN B 48 -5.25 36.94 9.86
N GLN B 49 -5.30 37.74 10.92
CA GLN B 49 -4.72 39.08 10.90
C GLN B 49 -3.18 39.04 10.87
N LYS B 50 -2.59 38.02 11.50
CA LYS B 50 -1.15 37.91 11.60
C LYS B 50 -0.49 37.58 10.25
N VAL B 51 -1.14 36.72 9.46
CA VAL B 51 -0.55 36.25 8.20
C VAL B 51 -1.17 36.92 6.98
N LYS B 52 -2.32 37.57 7.19
CA LYS B 52 -3.26 37.99 6.14
C LYS B 52 -3.88 36.77 5.42
N TYR B 53 -3.08 36.08 4.61
CA TYR B 53 -3.46 34.78 4.03
C TYR B 53 -2.20 33.91 3.88
N VAL B 54 -2.38 32.60 3.95
CA VAL B 54 -1.26 31.68 3.74
C VAL B 54 -1.75 30.33 3.21
N ASP B 55 -1.06 29.83 2.18
CA ASP B 55 -1.35 28.51 1.65
C ASP B 55 -0.72 27.45 2.55
N LEU B 56 -1.55 26.54 3.07
CA LEU B 56 -1.06 25.44 3.92
C LEU B 56 -1.01 24.11 3.17
N GLY B 57 -1.57 24.09 1.97
CA GLY B 57 -1.49 22.93 1.08
C GLY B 57 -0.82 23.33 -0.22
N GLY B 58 -1.30 22.80 -1.35
CA GLY B 58 -0.79 23.20 -2.67
C GLY B 58 -0.78 24.70 -2.92
N SER B 59 0.29 25.19 -3.54
CA SER B 59 0.56 26.63 -3.62
C SER B 59 1.23 27.13 -4.92
N TYR B 60 2.25 26.40 -5.39
CA TYR B 60 3.11 26.85 -6.49
C TYR B 60 2.57 26.45 -7.85
N VAL B 61 2.73 27.38 -8.80
CA VAL B 61 2.44 27.16 -10.21
C VAL B 61 3.57 27.78 -11.03
N GLY B 62 3.74 27.31 -12.26
CA GLY B 62 4.80 27.84 -13.09
C GLY B 62 4.62 27.52 -14.55
N PRO B 63 5.60 27.91 -15.38
CA PRO B 63 5.53 27.66 -16.82
C PRO B 63 5.29 26.18 -17.17
N THR B 64 4.53 26.00 -18.26
CA THR B 64 4.00 24.75 -18.79
C THR B 64 2.73 24.23 -18.08
N GLN B 65 2.34 24.86 -16.99
CA GLN B 65 1.10 24.51 -16.29
C GLN B 65 -0.07 25.37 -16.78
N ASN B 66 -0.40 25.23 -18.06
CA ASN B 66 -1.30 26.15 -18.77
C ASN B 66 -2.80 26.03 -18.42
N ARG B 67 -3.22 24.84 -18.00
CA ARG B 67 -4.61 24.63 -17.61
C ARG B 67 -4.99 25.30 -16.27
N ILE B 68 -4.13 25.21 -15.27
CA ILE B 68 -4.41 25.84 -13.97
C ILE B 68 -4.32 27.38 -14.09
N LEU B 69 -3.37 27.85 -14.89
CA LEU B 69 -3.23 29.27 -15.20
C LEU B 69 -4.43 29.85 -15.95
N ARG B 70 -4.98 29.13 -16.93
CA ARG B 70 -6.17 29.59 -17.66
C ARG B 70 -7.44 29.60 -16.77
N LEU B 71 -7.65 28.53 -15.99
CA LEU B 71 -8.79 28.44 -15.10
C LEU B 71 -8.79 29.54 -14.05
N ALA B 72 -7.65 29.79 -13.43
CA ALA B 72 -7.51 30.82 -12.43
C ALA B 72 -7.69 32.23 -13.04
N LYS B 73 -7.12 32.47 -14.22
CA LYS B 73 -7.31 33.74 -14.92
C LYS B 73 -8.80 34.02 -15.18
N GLU B 74 -9.52 33.02 -15.69
CA GLU B 74 -10.95 33.15 -15.94
C GLU B 74 -11.73 33.44 -14.65
N LEU B 75 -11.29 32.90 -13.52
CA LEU B 75 -11.88 33.20 -12.23
C LEU B 75 -11.45 34.57 -11.64
N GLY B 76 -10.54 35.27 -12.30
CA GLY B 76 -10.14 36.61 -11.84
C GLY B 76 -8.95 36.65 -10.89
N LEU B 77 -8.17 35.58 -10.88
CA LEU B 77 -6.95 35.50 -10.07
C LEU B 77 -5.70 36.02 -10.78
N GLU B 78 -4.74 36.49 -9.98
CA GLU B 78 -3.44 36.99 -10.44
C GLU B 78 -2.33 36.17 -9.80
N THR B 79 -1.21 36.02 -10.50
CA THR B 79 -0.03 35.41 -9.89
C THR B 79 1.02 36.47 -9.58
N TYR B 80 1.95 36.11 -8.69
CA TYR B 80 3.17 36.87 -8.47
C TYR B 80 4.35 35.88 -8.39
N LYS B 81 5.57 36.42 -8.55
CA LYS B 81 6.80 35.65 -8.61
C LYS B 81 7.40 35.38 -7.22
N VAL B 82 7.78 34.12 -6.97
CA VAL B 82 8.52 33.75 -5.76
C VAL B 82 9.91 34.41 -5.79
N ASN B 83 10.33 34.96 -4.64
CA ASN B 83 11.61 35.64 -4.56
C ASN B 83 12.79 34.69 -4.83
N GLU B 84 13.49 34.95 -5.93
CA GLU B 84 14.72 34.26 -6.26
C GLU B 84 15.79 35.25 -6.75
N VAL B 85 15.70 36.51 -6.32
CA VAL B 85 16.67 37.53 -6.73
C VAL B 85 18.10 37.31 -6.18
N GLU B 86 18.23 36.94 -4.90
CA GLU B 86 19.56 36.81 -4.27
C GLU B 86 20.06 35.35 -4.31
N ARG B 87 21.12 35.02 -3.57
CA ARG B 87 21.72 33.68 -3.68
C ARG B 87 20.93 32.58 -2.97
N LEU B 88 20.92 31.40 -3.58
CA LEU B 88 20.47 30.16 -2.96
C LEU B 88 21.54 29.65 -2.00
N ILE B 89 21.16 28.78 -1.07
CA ILE B 89 22.12 28.19 -0.16
C ILE B 89 22.01 26.67 -0.22
N HIS B 90 23.17 26.02 -0.32
CA HIS B 90 23.30 24.58 -0.13
C HIS B 90 24.07 24.34 1.18
N HIS B 91 23.38 23.78 2.18
CA HIS B 91 23.99 23.47 3.45
C HIS B 91 24.32 21.98 3.47
N VAL B 92 25.60 21.68 3.55
CA VAL B 92 26.03 20.29 3.56
C VAL B 92 27.16 20.06 4.55
N LYS B 93 27.06 18.96 5.31
CA LYS B 93 27.96 18.65 6.41
C LYS B 93 28.20 19.86 7.33
N GLY B 94 27.11 20.41 7.87
CA GLY B 94 27.18 21.50 8.83
C GLY B 94 27.71 22.84 8.34
N LYS B 95 27.82 23.04 7.03
CA LYS B 95 28.29 24.31 6.49
C LYS B 95 27.51 24.82 5.25
N SER B 96 27.39 26.14 5.12
CA SER B 96 26.59 26.78 4.07
C SER B 96 27.38 27.24 2.83
N TYR B 97 26.90 26.87 1.64
CA TYR B 97 27.54 27.28 0.39
C TYR B 97 26.57 28.06 -0.48
N PRO B 98 26.71 29.39 -0.51
CA PRO B 98 25.81 30.18 -1.35
C PRO B 98 26.10 29.98 -2.83
N PHE B 99 25.05 29.93 -3.65
CA PHE B 99 25.23 29.80 -5.10
C PHE B 99 24.12 30.52 -5.86
N ARG B 100 24.32 30.65 -7.16
CA ARG B 100 23.32 31.20 -8.09
C ARG B 100 22.94 30.13 -9.10
N GLY B 101 21.84 30.36 -9.82
CA GLY B 101 21.35 29.34 -10.77
C GLY B 101 20.54 28.28 -10.04
N PRO B 102 19.92 27.36 -10.80
CA PRO B 102 19.00 26.38 -10.22
C PRO B 102 19.67 25.25 -9.45
N PHE B 103 20.94 24.97 -9.80
CA PHE B 103 21.61 23.73 -9.39
C PHE B 103 22.84 24.04 -8.54
N PRO B 104 22.98 23.35 -7.38
CA PRO B 104 24.12 23.60 -6.49
C PRO B 104 25.43 23.07 -7.09
N PRO B 105 26.48 23.91 -7.14
CA PRO B 105 27.72 23.57 -7.84
C PRO B 105 28.49 22.46 -7.14
N VAL B 106 29.32 21.75 -7.91
CA VAL B 106 30.15 20.66 -7.39
C VAL B 106 31.58 20.89 -7.87
N TRP B 107 32.55 20.80 -6.96
CA TRP B 107 33.91 21.21 -7.31
C TRP B 107 34.94 20.08 -7.54
N ASN B 108 34.83 18.98 -6.79
CA ASN B 108 35.64 17.77 -7.02
C ASN B 108 35.28 17.17 -8.39
N PRO B 109 36.30 16.77 -9.19
CA PRO B 109 36.07 16.39 -10.61
C PRO B 109 35.31 15.07 -10.79
N ILE B 110 35.64 14.10 -9.95
CA ILE B 110 35.02 12.80 -9.98
C ILE B 110 33.55 12.91 -9.59
N THR B 111 33.33 13.57 -8.45
CA THR B 111 32.02 13.99 -8.00
C THR B 111 31.25 14.75 -9.07
N TYR B 112 31.91 15.68 -9.76
CA TYR B 112 31.28 16.38 -10.88
C TYR B 112 30.73 15.42 -11.93
N LEU B 113 31.54 14.46 -12.35
CA LEU B 113 31.15 13.48 -13.38
C LEU B 113 29.95 12.64 -12.90
N ASP B 114 29.98 12.25 -11.62
CA ASP B 114 28.94 11.46 -10.97
C ASP B 114 27.59 12.21 -10.83
N HIS B 115 27.63 13.49 -10.45
CA HIS B 115 26.43 14.32 -10.39
C HIS B 115 25.85 14.56 -11.77
N ASN B 116 26.69 14.93 -12.74
CA ASN B 116 26.25 15.15 -14.12
C ASN B 116 25.57 13.93 -14.72
N ASN B 117 26.14 12.76 -14.50
CA ASN B 117 25.62 11.52 -15.09
C ASN B 117 24.33 11.04 -14.46
N PHE B 118 24.16 11.34 -13.18
CA PHE B 118 22.94 10.95 -12.50
C PHE B 118 21.71 11.66 -13.09
N TRP B 119 21.76 13.00 -13.17
CA TRP B 119 20.64 13.79 -13.71
C TRP B 119 20.35 13.48 -15.16
N ARG B 120 21.41 13.39 -15.96
CA ARG B 120 21.31 13.03 -17.37
C ARG B 120 20.66 11.66 -17.56
N THR B 121 21.05 10.68 -16.73
CA THR B 121 20.51 9.33 -16.80
C THR B 121 19.01 9.27 -16.48
N MET B 122 18.60 9.94 -15.41
CA MET B 122 17.18 10.16 -15.09
C MET B 122 16.37 10.67 -16.29
N ASP B 123 16.87 11.71 -16.97
CA ASP B 123 16.17 12.22 -18.15
C ASP B 123 16.21 11.28 -19.36
N ASP B 124 17.33 10.57 -19.55
CA ASP B 124 17.44 9.54 -20.60
C ASP B 124 16.45 8.40 -20.38
N MET B 125 16.34 7.93 -19.14
CA MET B 125 15.43 6.85 -18.81
C MET B 125 14.00 7.28 -19.02
N GLY B 126 13.68 8.51 -18.62
CA GLY B 126 12.36 9.12 -18.83
C GLY B 126 11.87 9.18 -20.28
N ARG B 127 12.80 9.36 -21.21
CA ARG B 127 12.45 9.44 -22.65
C ARG B 127 11.96 8.13 -23.24
N GLU B 128 12.13 7.03 -22.50
CA GLU B 128 11.61 5.73 -22.92
C GLU B 128 10.25 5.42 -22.29
N ILE B 129 9.72 6.37 -21.51
CA ILE B 129 8.49 6.15 -20.73
C ILE B 129 7.33 7.01 -21.27
N PRO B 130 6.31 6.36 -21.87
CA PRO B 130 5.15 7.12 -22.35
C PRO B 130 4.37 7.73 -21.19
N SER B 131 4.01 9.01 -21.33
CA SER B 131 3.30 9.76 -20.30
C SER B 131 1.93 9.18 -19.94
N ASP B 132 1.21 8.70 -20.95
CA ASP B 132 -0.15 8.20 -20.79
C ASP B 132 -0.18 6.69 -20.55
N ALA B 133 1.00 6.06 -20.59
CA ALA B 133 1.10 4.60 -20.42
C ALA B 133 2.50 4.18 -19.97
N PRO B 134 2.90 4.53 -18.74
CA PRO B 134 4.25 4.17 -18.25
C PRO B 134 4.57 2.68 -18.27
N TRP B 135 3.55 1.84 -18.10
CA TRP B 135 3.69 0.36 -18.13
C TRP B 135 4.05 -0.16 -19.53
N LYS B 136 4.08 0.71 -20.52
CA LYS B 136 4.51 0.33 -21.88
C LYS B 136 5.98 0.65 -22.19
N ALA B 137 6.69 1.23 -21.21
CA ALA B 137 8.15 1.39 -21.31
C ALA B 137 8.77 0.05 -21.68
N PRO B 138 9.78 0.04 -22.59
CA PRO B 138 10.46 -1.22 -22.98
C PRO B 138 10.94 -2.03 -21.80
N LEU B 139 11.46 -1.35 -20.78
CA LEU B 139 11.99 -2.02 -19.58
C LEU B 139 11.08 -1.81 -18.35
N ALA B 140 9.78 -1.68 -18.62
CA ALA B 140 8.81 -1.41 -17.58
C ALA B 140 8.93 -2.35 -16.35
N GLU B 141 8.98 -3.66 -16.57
CA GLU B 141 9.00 -4.63 -15.46
C GLU B 141 10.27 -4.52 -14.63
N GLU B 142 11.41 -4.53 -15.30
CA GLU B 142 12.71 -4.39 -14.65
C GLU B 142 12.79 -3.16 -13.76
N TRP B 143 12.34 -2.01 -14.26
CA TRP B 143 12.41 -0.75 -13.50
C TRP B 143 11.34 -0.67 -12.39
N ASP B 144 10.19 -1.31 -12.62
CA ASP B 144 9.13 -1.36 -11.61
C ASP B 144 9.43 -2.29 -10.42
N ASN B 145 10.26 -3.30 -10.62
CA ASN B 145 10.59 -4.33 -9.61
C ASN B 145 11.77 -3.93 -8.72
N MET B 146 12.02 -2.63 -8.68
CA MET B 146 13.24 -2.07 -8.17
C MET B 146 12.81 -0.76 -7.49
N THR B 147 13.28 -0.52 -6.28
CA THR B 147 13.05 0.77 -5.64
C THR B 147 14.00 1.86 -6.17
N MET B 148 13.66 3.13 -5.95
CA MET B 148 14.59 4.23 -6.26
C MET B 148 15.92 4.10 -5.52
N LYS B 149 15.88 3.53 -4.32
CA LYS B 149 17.09 3.25 -3.53
C LYS B 149 18.06 2.28 -4.23
N GLU B 150 17.54 1.18 -4.77
CA GLU B 150 18.34 0.29 -5.62
C GLU B 150 18.91 1.01 -6.86
N LEU B 151 18.10 1.84 -7.51
CA LEU B 151 18.60 2.59 -8.65
C LEU B 151 19.75 3.53 -8.26
N LEU B 152 19.57 4.28 -7.17
CA LEU B 152 20.60 5.21 -6.71
C LEU B 152 21.91 4.46 -6.36
N ASP B 153 21.78 3.34 -5.65
CA ASP B 153 22.93 2.49 -5.30
C ASP B 153 23.73 2.03 -6.53
N LYS B 154 23.05 1.66 -7.62
CA LYS B 154 23.72 1.30 -8.87
C LYS B 154 24.36 2.47 -9.62
N LEU B 155 23.70 3.62 -9.64
CA LEU B 155 24.08 4.73 -10.50
C LEU B 155 25.14 5.63 -9.89
N CYS B 156 24.98 5.93 -8.60
CA CYS B 156 25.81 6.91 -7.93
C CYS B 156 27.07 6.31 -7.37
N TRP B 157 28.21 6.71 -7.93
CA TRP B 157 29.51 6.21 -7.47
C TRP B 157 30.08 7.04 -6.31
N THR B 158 29.45 8.17 -6.00
CA THR B 158 29.87 8.99 -4.85
C THR B 158 28.71 9.17 -3.85
N GLU B 159 29.07 9.26 -2.57
CA GLU B 159 28.08 9.50 -1.51
C GLU B 159 27.41 10.87 -1.62
N SER B 160 28.17 11.82 -2.16
CA SER B 160 27.70 13.18 -2.41
C SER B 160 26.54 13.22 -3.41
N ALA B 161 26.66 12.51 -4.52
CA ALA B 161 25.56 12.46 -5.50
C ALA B 161 24.35 11.71 -4.93
N LYS B 162 24.63 10.67 -4.15
CA LYS B 162 23.61 9.80 -3.62
C LYS B 162 22.76 10.53 -2.55
N GLN B 163 23.42 11.35 -1.73
CA GLN B 163 22.77 12.24 -0.77
C GLN B 163 21.84 13.28 -1.46
N LEU B 164 22.36 13.98 -2.47
CA LEU B 164 21.54 14.96 -3.17
C LEU B 164 20.35 14.32 -3.93
N ALA B 165 20.58 13.15 -4.54
CA ALA B 165 19.52 12.45 -5.28
C ALA B 165 18.43 11.96 -4.35
N THR B 166 18.81 11.56 -3.14
CA THR B 166 17.90 11.13 -2.09
C THR B 166 17.02 12.28 -1.61
N LEU B 167 17.66 13.42 -1.33
CA LEU B 167 16.92 14.61 -0.95
C LEU B 167 15.93 15.00 -2.05
N PHE B 168 16.38 14.93 -3.30
CA PHE B 168 15.54 15.20 -4.49
C PHE B 168 14.28 14.31 -4.50
N VAL B 169 14.46 13.02 -4.27
CA VAL B 169 13.31 12.09 -4.21
C VAL B 169 12.37 12.46 -3.07
N ASN B 170 12.92 12.67 -1.86
CA ASN B 170 12.11 13.02 -0.69
C ASN B 170 11.29 14.28 -0.93
N LEU B 171 11.89 15.30 -1.55
CA LEU B 171 11.19 16.55 -1.85
C LEU B 171 10.12 16.46 -2.95
N CYS B 172 10.39 15.69 -4.02
CA CYS B 172 9.45 15.58 -5.12
C CYS B 172 8.18 14.83 -4.75
N VAL B 173 8.33 13.73 -3.98
CA VAL B 173 7.22 12.81 -3.74
C VAL B 173 6.98 12.49 -2.25
N THR B 174 7.59 13.26 -1.35
CA THR B 174 7.39 13.08 0.10
C THR B 174 7.41 11.62 0.58
N ALA B 175 8.40 10.87 0.08
CA ALA B 175 8.56 9.46 0.40
C ALA B 175 10.03 9.09 0.31
N GLU B 176 10.36 8.02 1.02
CA GLU B 176 11.73 7.54 1.06
C GLU B 176 12.03 6.83 -0.26
N THR B 177 13.31 6.82 -0.65
CA THR B 177 13.76 6.15 -1.86
C THR B 177 13.45 4.64 -1.85
N HIS B 178 13.53 4.02 -0.68
CA HIS B 178 13.25 2.58 -0.55
C HIS B 178 11.75 2.23 -0.56
N GLU B 179 10.89 3.25 -0.48
CA GLU B 179 9.43 3.06 -0.51
C GLU B 179 8.82 3.04 -1.92
N VAL B 180 9.50 3.65 -2.90
CA VAL B 180 8.89 3.92 -4.20
C VAL B 180 9.50 3.13 -5.35
N SER B 181 8.66 2.77 -6.32
CA SER B 181 9.10 2.16 -7.56
C SER B 181 9.98 3.10 -8.38
N ALA B 182 11.06 2.56 -8.95
CA ALA B 182 11.93 3.31 -9.86
C ALA B 182 11.20 3.74 -11.14
N LEU B 183 10.42 2.82 -11.72
CA LEU B 183 9.59 3.14 -12.89
C LEU B 183 8.60 4.29 -12.62
N TRP B 184 7.92 4.21 -11.47
CA TRP B 184 6.92 5.22 -11.13
C TRP B 184 7.57 6.60 -10.93
N PHE B 185 8.69 6.65 -10.21
CA PHE B 185 9.37 7.93 -9.98
C PHE B 185 9.95 8.57 -11.24
N LEU B 186 10.46 7.74 -12.15
CA LEU B 186 11.02 8.22 -13.41
C LEU B 186 9.93 8.73 -14.33
N TRP B 187 8.75 8.09 -14.26
CA TRP B 187 7.58 8.53 -14.99
C TRP B 187 7.12 9.88 -14.42
N TYR B 188 7.10 9.97 -13.10
CA TYR B 188 6.62 11.16 -12.42
C TYR B 188 7.42 12.41 -12.79
N VAL B 189 8.73 12.28 -12.84
CA VAL B 189 9.62 13.40 -13.20
C VAL B 189 9.44 13.77 -14.66
N LYS B 190 9.51 12.77 -15.55
CA LYS B 190 9.27 12.89 -16.99
C LYS B 190 7.97 13.63 -17.33
N GLN B 191 6.85 13.25 -16.69
CA GLN B 191 5.55 13.83 -17.02
C GLN B 191 5.35 15.26 -16.46
N CYS B 192 6.31 15.72 -15.66
CA CYS B 192 6.42 17.14 -15.30
C CYS B 192 7.35 17.94 -16.22
N GLY B 193 7.88 17.32 -17.28
CA GLY B 193 8.87 17.97 -18.16
C GLY B 193 10.35 17.74 -17.83
N GLY B 194 10.64 16.88 -16.85
CA GLY B 194 12.05 16.56 -16.55
C GLY B 194 12.62 17.21 -15.29
N THR B 195 13.84 16.81 -14.94
CA THR B 195 14.44 17.20 -13.66
C THR B 195 14.55 18.71 -13.50
N THR B 196 15.01 19.39 -14.55
CA THR B 196 15.18 20.85 -14.50
C THR B 196 13.86 21.59 -14.27
N ARG B 197 12.84 21.21 -15.03
CA ARG B 197 11.52 21.83 -14.93
C ARG B 197 10.87 21.60 -13.57
N ILE B 198 11.00 20.38 -13.03
CA ILE B 198 10.38 20.04 -11.76
C ILE B 198 11.00 20.79 -10.56
N ILE B 199 12.32 21.00 -10.57
CA ILE B 199 13.04 21.58 -9.40
C ILE B 199 13.21 23.10 -9.41
N SER B 200 13.03 23.73 -10.55
CA SER B 200 13.35 25.15 -10.67
C SER B 200 12.26 26.06 -10.09
N THR B 201 12.70 27.20 -9.54
CA THR B 201 11.81 28.30 -9.24
C THR B 201 11.64 29.08 -10.56
N THR B 202 12.62 29.91 -10.91
CA THR B 202 12.61 30.59 -12.21
C THR B 202 12.51 29.56 -13.33
N ASN B 203 11.51 29.72 -14.19
CA ASN B 203 11.28 28.82 -15.35
C ASN B 203 10.88 27.38 -14.99
N GLY B 204 10.42 27.15 -13.75
CA GLY B 204 9.98 25.82 -13.32
C GLY B 204 8.70 25.79 -12.50
N GLY B 205 8.43 24.65 -11.88
CA GLY B 205 7.22 24.45 -11.06
C GLY B 205 7.01 25.40 -9.88
N GLN B 206 8.09 26.03 -9.39
CA GLN B 206 7.97 26.90 -8.23
C GLN B 206 8.09 28.38 -8.58
N GLU B 207 7.84 28.76 -9.82
CA GLU B 207 8.01 30.16 -10.20
C GLU B 207 7.07 31.11 -9.46
N ARG B 208 5.82 30.69 -9.29
CA ARG B 208 4.76 31.61 -8.90
C ARG B 208 3.79 31.09 -7.85
N LYS B 209 3.10 32.04 -7.21
CA LYS B 209 1.92 31.77 -6.38
C LYS B 209 0.76 32.67 -6.79
N PHE B 210 -0.44 32.32 -6.35
CA PHE B 210 -1.62 33.14 -6.56
C PHE B 210 -1.75 34.23 -5.50
N VAL B 211 -1.97 35.47 -5.93
CA VAL B 211 -2.29 36.55 -5.02
C VAL B 211 -3.60 36.20 -4.30
N GLY B 212 -3.55 36.19 -2.96
CA GLY B 212 -4.70 35.83 -2.14
C GLY B 212 -4.82 34.36 -1.78
N GLY B 213 -4.00 33.50 -2.39
CA GLY B 213 -4.04 32.07 -2.11
C GLY B 213 -4.69 31.20 -3.18
N SER B 214 -4.23 29.95 -3.28
CA SER B 214 -4.72 28.99 -4.26
C SER B 214 -6.10 28.41 -3.90
N GLY B 215 -6.48 28.50 -2.63
CA GLY B 215 -7.81 28.09 -2.19
C GLY B 215 -8.93 28.85 -2.90
N GLN B 216 -8.61 30.00 -3.50
CA GLN B 216 -9.62 30.81 -4.19
C GLN B 216 -10.11 30.13 -5.46
N VAL B 217 -9.31 29.25 -6.04
CA VAL B 217 -9.74 28.52 -7.22
C VAL B 217 -11.02 27.71 -6.93
N SER B 218 -11.00 26.93 -5.86
CA SER B 218 -12.15 26.10 -5.54
C SER B 218 -13.31 26.91 -4.99
N GLU B 219 -13.01 27.92 -4.19
CA GLU B 219 -14.02 28.81 -3.61
C GLU B 219 -14.80 29.54 -4.71
N ARG B 220 -14.11 30.03 -5.73
CA ARG B 220 -14.74 30.82 -6.79
C ARG B 220 -15.63 29.97 -7.70
N ILE B 221 -15.23 28.72 -7.91
CA ILE B 221 -16.05 27.78 -8.68
C ILE B 221 -17.31 27.40 -7.88
N MET B 222 -17.18 27.23 -6.58
CA MET B 222 -18.32 27.09 -5.70
C MET B 222 -19.25 28.31 -5.72
N ASP B 223 -18.69 29.52 -5.76
CA ASP B 223 -19.50 30.73 -5.97
C ASP B 223 -20.34 30.65 -7.28
N LEU B 224 -19.71 30.20 -8.37
CA LEU B 224 -20.41 30.02 -9.65
C LEU B 224 -21.53 28.97 -9.57
N LEU B 225 -21.34 27.92 -8.77
CA LEU B 225 -22.27 26.80 -8.80
C LEU B 225 -23.41 26.95 -7.80
N GLY B 226 -23.23 27.87 -6.85
CA GLY B 226 -24.22 28.15 -5.80
C GLY B 226 -24.57 26.94 -4.97
N ASP B 227 -25.87 26.63 -4.94
CA ASP B 227 -26.42 25.58 -4.08
C ASP B 227 -26.13 24.15 -4.59
N ARG B 228 -25.55 24.05 -5.78
CA ARG B 228 -25.17 22.75 -6.34
C ARG B 228 -24.04 22.01 -5.58
N VAL B 229 -23.29 22.73 -4.73
CA VAL B 229 -22.22 22.15 -3.94
C VAL B 229 -22.73 21.81 -2.54
N LYS B 230 -22.54 20.55 -2.12
CA LYS B 230 -23.08 20.11 -0.84
C LYS B 230 -21.93 19.79 0.09
N LEU B 231 -21.76 20.61 1.12
CA LEU B 231 -20.66 20.47 2.07
C LEU B 231 -21.04 19.49 3.16
N GLU B 232 -20.05 18.82 3.73
CA GLU B 232 -20.28 17.80 4.77
C GLU B 232 -21.23 16.68 4.29
N ARG B 233 -21.03 16.25 3.05
CA ARG B 233 -21.69 15.11 2.45
C ARG B 233 -20.67 14.03 2.03
N PRO B 234 -20.08 13.32 3.01
CA PRO B 234 -19.18 12.23 2.62
C PRO B 234 -19.98 11.12 1.95
N VAL B 235 -19.56 10.70 0.75
CA VAL B 235 -20.20 9.59 0.07
C VAL B 235 -19.75 8.28 0.71
N ILE B 236 -20.73 7.40 0.97
CA ILE B 236 -20.51 6.10 1.59
C ILE B 236 -20.89 4.90 0.71
N TYR B 237 -21.68 5.16 -0.33
CA TYR B 237 -22.34 4.09 -1.05
C TYR B 237 -22.74 4.48 -2.47
N ILE B 238 -22.28 3.68 -3.43
CA ILE B 238 -22.67 3.87 -4.82
C ILE B 238 -23.32 2.60 -5.43
N ASP B 239 -24.58 2.72 -5.82
CA ASP B 239 -25.36 1.63 -6.41
C ASP B 239 -25.56 1.82 -7.92
N GLN B 240 -25.05 0.87 -8.70
CA GLN B 240 -25.16 0.93 -10.16
C GLN B 240 -26.04 -0.18 -10.76
N THR B 241 -26.74 -0.93 -9.92
CA THR B 241 -27.54 -2.08 -10.38
C THR B 241 -28.81 -1.67 -11.15
N ARG B 242 -29.28 -0.44 -10.94
CA ARG B 242 -30.52 0.04 -11.55
C ARG B 242 -30.30 1.03 -12.70
N GLU B 243 -31.40 1.59 -13.20
CA GLU B 243 -31.41 2.49 -14.36
C GLU B 243 -30.58 3.76 -14.17
N ASN B 244 -30.86 4.48 -13.07
CA ASN B 244 -30.06 5.62 -12.64
C ASN B 244 -29.11 5.19 -11.54
N VAL B 245 -27.93 5.81 -11.48
CA VAL B 245 -26.94 5.55 -10.43
C VAL B 245 -27.41 6.19 -9.12
N LEU B 246 -27.32 5.45 -8.02
CA LEU B 246 -27.71 5.97 -6.72
C LEU B 246 -26.48 6.23 -5.85
N VAL B 247 -26.36 7.45 -5.35
CA VAL B 247 -25.23 7.83 -4.51
C VAL B 247 -25.73 8.23 -3.13
N GLU B 248 -25.27 7.53 -2.09
CA GLU B 248 -25.69 7.84 -0.73
C GLU B 248 -24.57 8.50 0.10
N THR B 249 -24.96 9.46 0.94
CA THR B 249 -24.03 10.14 1.85
C THR B 249 -24.18 9.69 3.30
N LEU B 250 -23.17 9.97 4.12
CA LEU B 250 -23.12 9.62 5.54
C LEU B 250 -24.29 10.20 6.35
N ASN B 251 -24.66 11.44 6.06
CA ASN B 251 -25.81 12.10 6.70
C ASN B 251 -27.16 11.66 6.12
N HIS B 252 -27.17 10.54 5.39
CA HIS B 252 -28.42 9.89 4.94
C HIS B 252 -29.18 10.51 3.75
N GLU B 253 -28.52 11.31 2.93
CA GLU B 253 -29.14 11.82 1.72
C GLU B 253 -28.89 10.90 0.54
N MET B 254 -29.77 10.96 -0.44
CA MET B 254 -29.68 10.14 -1.64
C MET B 254 -29.69 11.00 -2.88
N TYR B 255 -28.76 10.74 -3.79
CA TYR B 255 -28.65 11.49 -5.03
C TYR B 255 -28.75 10.51 -6.18
N GLU B 256 -29.38 10.94 -7.26
CA GLU B 256 -29.68 10.07 -8.38
C GLU B 256 -29.23 10.76 -9.65
N ALA B 257 -28.48 10.02 -10.48
CA ALA B 257 -27.79 10.60 -11.62
C ALA B 257 -27.61 9.59 -12.75
N LYS B 258 -27.34 10.10 -13.95
CA LYS B 258 -26.99 9.24 -15.07
C LYS B 258 -25.52 8.78 -14.98
N TYR B 259 -24.66 9.65 -14.44
CA TYR B 259 -23.23 9.41 -14.36
C TYR B 259 -22.60 9.96 -13.08
N VAL B 260 -21.46 9.37 -12.71
CA VAL B 260 -20.67 9.83 -11.57
C VAL B 260 -19.23 10.09 -12.00
N ILE B 261 -18.66 11.16 -11.45
CA ILE B 261 -17.21 11.36 -11.48
C ILE B 261 -16.70 11.23 -10.06
N SER B 262 -15.72 10.35 -9.89
CA SER B 262 -15.00 10.20 -8.65
C SER B 262 -13.73 11.06 -8.73
N ALA B 263 -13.71 12.15 -7.99
CA ALA B 263 -12.58 13.10 -8.00
C ALA B 263 -11.82 13.10 -6.65
N ILE B 264 -11.54 11.91 -6.16
CA ILE B 264 -10.88 11.72 -4.87
C ILE B 264 -9.59 10.90 -5.09
N PRO B 265 -8.56 11.06 -4.22
CA PRO B 265 -7.39 10.20 -4.34
C PRO B 265 -7.82 8.72 -4.43
N PRO B 266 -7.18 7.93 -5.30
CA PRO B 266 -7.57 6.53 -5.55
C PRO B 266 -7.83 5.70 -4.27
N THR B 267 -6.94 5.77 -3.30
CA THR B 267 -7.11 4.97 -2.09
C THR B 267 -8.34 5.34 -1.27
N LEU B 268 -8.79 6.62 -1.37
CA LEU B 268 -10.00 7.06 -0.66
C LEU B 268 -11.30 6.49 -1.24
N GLY B 269 -11.21 5.89 -2.43
CA GLY B 269 -12.27 5.05 -2.94
C GLY B 269 -12.63 3.91 -1.98
N MET B 270 -11.68 3.50 -1.12
CA MET B 270 -11.95 2.47 -0.10
C MET B 270 -13.10 2.87 0.83
N LYS B 271 -13.27 4.18 1.04
CA LYS B 271 -14.28 4.70 1.96
C LYS B 271 -15.73 4.54 1.47
N ILE B 272 -15.90 4.04 0.25
CA ILE B 272 -17.18 3.91 -0.41
C ILE B 272 -17.51 2.40 -0.58
N HIS B 273 -18.75 2.02 -0.25
CA HIS B 273 -19.20 0.65 -0.47
C HIS B 273 -19.90 0.57 -1.83
N PHE B 274 -19.49 -0.38 -2.66
CA PHE B 274 -19.98 -0.44 -4.03
C PHE B 274 -20.96 -1.60 -4.23
N ASN B 275 -21.99 -1.33 -5.02
CA ASN B 275 -22.93 -2.33 -5.48
C ASN B 275 -23.20 -2.11 -6.99
N PRO B 276 -22.81 -3.07 -7.86
CA PRO B 276 -22.14 -4.36 -7.57
C PRO B 276 -20.71 -4.12 -7.11
N PRO B 277 -20.06 -5.14 -6.52
CA PRO B 277 -18.65 -4.91 -6.09
C PRO B 277 -17.81 -4.40 -7.26
N LEU B 278 -16.74 -3.67 -6.95
CA LEU B 278 -15.80 -3.23 -7.97
C LEU B 278 -15.18 -4.44 -8.70
N PRO B 279 -14.79 -4.28 -9.98
CA PRO B 279 -14.05 -5.36 -10.62
C PRO B 279 -12.76 -5.65 -9.85
N MET B 280 -12.25 -6.87 -9.99
CA MET B 280 -11.09 -7.35 -9.24
C MET B 280 -9.86 -6.43 -9.22
N MET B 281 -9.42 -5.97 -10.39
CA MET B 281 -8.20 -5.16 -10.46
C MET B 281 -8.31 -3.84 -9.72
N ARG B 282 -9.45 -3.15 -9.84
CA ARG B 282 -9.65 -1.92 -9.08
C ARG B 282 -9.81 -2.19 -7.57
N ASN B 283 -10.55 -3.23 -7.21
CA ASN B 283 -10.75 -3.66 -5.82
C ASN B 283 -9.41 -3.73 -5.09
N GLN B 284 -8.41 -4.33 -5.74
CA GLN B 284 -7.09 -4.46 -5.14
C GLN B 284 -6.18 -3.26 -5.33
N MET B 285 -6.31 -2.55 -6.44
CA MET B 285 -5.47 -1.36 -6.72
C MET B 285 -5.59 -0.31 -5.63
N ILE B 286 -6.82 0.00 -5.23
CA ILE B 286 -7.11 1.03 -4.23
C ILE B 286 -6.60 0.72 -2.79
N THR B 287 -6.06 -0.49 -2.57
CA THR B 287 -5.38 -0.82 -1.31
C THR B 287 -3.87 -0.73 -1.45
N ARG B 288 -3.39 -0.43 -2.66
CA ARG B 288 -1.96 -0.51 -2.95
C ARG B 288 -1.29 0.84 -3.20
N VAL B 289 -2.00 1.93 -2.94
CA VAL B 289 -1.56 3.27 -3.42
C VAL B 289 -1.64 4.36 -2.33
N PRO B 290 -0.65 4.39 -1.42
CA PRO B 290 -0.67 5.38 -0.37
C PRO B 290 -0.31 6.77 -0.90
N LEU B 291 -0.55 7.79 -0.07
CA LEU B 291 0.00 9.13 -0.29
C LEU B 291 1.15 9.38 0.70
N GLY B 292 2.03 10.32 0.32
CA GLY B 292 3.23 10.61 1.10
C GLY B 292 2.92 11.35 2.38
N SER B 293 3.98 11.74 3.09
CA SER B 293 3.87 12.33 4.43
C SER B 293 4.64 13.62 4.47
N VAL B 294 3.99 14.68 4.96
CA VAL B 294 4.59 16.00 4.99
C VAL B 294 3.88 16.92 6.01
N ILE B 295 4.69 17.78 6.65
CA ILE B 295 4.22 18.93 7.41
C ILE B 295 4.70 20.18 6.70
N LYS B 296 3.77 21.04 6.28
CA LYS B 296 4.14 22.34 5.74
C LYS B 296 4.16 23.37 6.88
N CYS B 297 5.29 24.09 7.03
CA CYS B 297 5.52 25.01 8.15
C CYS B 297 5.99 26.38 7.68
N ILE B 298 5.39 27.44 8.24
CA ILE B 298 5.74 28.81 7.86
C ILE B 298 6.06 29.64 9.11
N VAL B 299 7.32 30.10 9.16
CA VAL B 299 7.82 30.96 10.23
C VAL B 299 7.85 32.43 9.79
N TYR B 300 7.17 33.30 10.56
CA TYR B 300 7.08 34.74 10.28
C TYR B 300 8.11 35.56 11.05
N TYR B 301 8.63 36.58 10.38
CA TYR B 301 9.63 37.47 10.94
C TYR B 301 9.24 38.93 10.67
N LYS B 302 9.75 39.84 11.50
CA LYS B 302 9.50 41.28 11.33
C LYS B 302 9.92 41.76 9.92
N GLU B 303 11.04 41.23 9.41
CA GLU B 303 11.56 41.64 8.11
C GLU B 303 12.21 40.46 7.36
N PRO B 304 12.27 40.55 6.01
CA PRO B 304 12.99 39.50 5.28
C PRO B 304 14.51 39.72 5.35
N PHE B 305 15.07 39.48 6.53
CA PHE B 305 16.44 39.83 6.88
C PHE B 305 17.50 39.08 6.07
N TRP B 306 17.13 37.91 5.54
CA TRP B 306 18.05 37.13 4.72
C TRP B 306 18.49 37.89 3.45
N ARG B 307 17.58 38.69 2.90
CA ARG B 307 17.88 39.51 1.72
C ARG B 307 19.04 40.51 1.93
N LYS B 308 19.22 40.97 3.17
CA LYS B 308 20.30 41.90 3.51
C LYS B 308 21.68 41.24 3.43
N LYS B 309 21.73 39.92 3.63
CA LYS B 309 22.94 39.14 3.49
C LYS B 309 23.11 38.58 2.06
N ASP B 310 22.25 39.01 1.14
CA ASP B 310 22.25 38.52 -0.26
C ASP B 310 21.87 37.01 -0.36
N TYR B 311 20.87 36.61 0.44
CA TYR B 311 20.21 35.32 0.31
C TYR B 311 18.75 35.51 -0.11
N CYS B 312 18.27 34.71 -1.07
CA CYS B 312 16.85 34.77 -1.44
C CYS B 312 15.89 34.14 -0.42
N GLY B 313 16.41 33.18 0.36
CA GLY B 313 15.59 32.46 1.31
C GLY B 313 15.40 31.00 0.95
N THR B 314 15.89 30.63 -0.23
CA THR B 314 15.92 29.22 -0.67
C THR B 314 17.11 28.50 -0.04
N MET B 315 16.82 27.44 0.68
CA MET B 315 17.84 26.62 1.32
C MET B 315 17.64 25.16 0.92
N ILE B 316 18.71 24.54 0.43
CA ILE B 316 18.75 23.09 0.24
C ILE B 316 19.61 22.50 1.37
N ILE B 317 19.00 21.72 2.26
CA ILE B 317 19.64 21.38 3.53
C ILE B 317 19.83 19.88 3.67
N ASP B 318 21.06 19.40 3.58
CA ASP B 318 21.31 17.94 3.74
C ASP B 318 21.54 17.51 5.18
N GLY B 319 21.28 16.23 5.45
CA GLY B 319 21.59 15.63 6.73
C GLY B 319 20.36 15.13 7.47
N GLU B 320 20.58 14.12 8.30
CA GLU B 320 19.52 13.51 9.11
C GLU B 320 19.03 14.43 10.23
N GLU B 321 19.91 15.29 10.72
CA GLU B 321 19.59 16.12 11.88
C GLU B 321 18.66 17.27 11.54
N ALA B 322 18.76 17.81 10.32
CA ALA B 322 17.88 18.89 9.87
C ALA B 322 16.42 18.43 9.78
N PRO B 323 15.51 19.08 10.53
CA PRO B 323 14.07 18.77 10.42
C PRO B 323 13.49 19.11 9.05
N VAL B 324 14.04 20.15 8.42
CA VAL B 324 13.56 20.67 7.14
C VAL B 324 14.68 20.57 6.11
N ALA B 325 14.38 20.01 4.95
CA ALA B 325 15.38 19.86 3.88
C ALA B 325 15.33 20.91 2.78
N TYR B 326 14.22 21.63 2.70
CA TYR B 326 14.00 22.60 1.64
C TYR B 326 13.10 23.74 2.09
N THR B 327 13.50 24.97 1.77
CA THR B 327 12.76 26.16 2.15
C THR B 327 12.66 27.12 0.96
N LEU B 328 11.63 27.96 0.99
CA LEU B 328 11.48 29.10 0.08
C LEU B 328 11.05 30.35 0.85
N ASP B 329 11.40 31.51 0.31
CA ASP B 329 10.89 32.79 0.79
C ASP B 329 9.37 32.79 0.62
N ASP B 330 8.61 33.09 1.68
CA ASP B 330 7.13 33.16 1.59
C ASP B 330 6.57 34.57 1.86
N THR B 331 7.46 35.57 1.81
CA THR B 331 7.09 36.98 1.92
C THR B 331 6.10 37.38 0.81
N LYS B 332 5.15 38.24 1.16
CA LYS B 332 4.13 38.74 0.23
C LYS B 332 4.77 39.63 -0.83
N PRO B 333 4.14 39.73 -2.02
CA PRO B 333 4.80 40.51 -3.10
C PRO B 333 5.09 41.97 -2.73
N GLU B 334 4.33 42.51 -1.77
CA GLU B 334 4.53 43.90 -1.31
C GLU B 334 5.75 44.05 -0.39
N GLY B 335 6.32 42.93 0.05
CA GLY B 335 7.51 42.92 0.91
C GLY B 335 7.23 42.83 2.40
N ASN B 336 5.96 42.70 2.75
CA ASN B 336 5.56 42.55 4.15
C ASN B 336 5.13 41.13 4.48
N TYR B 337 4.77 40.89 5.74
CA TYR B 337 4.57 39.53 6.28
C TYR B 337 5.73 38.60 5.90
N ALA B 338 6.95 39.07 6.15
CA ALA B 338 8.16 38.28 5.90
C ALA B 338 8.04 36.89 6.55
N ALA B 339 8.48 35.88 5.81
CA ALA B 339 8.26 34.49 6.17
C ALA B 339 9.16 33.53 5.38
N ILE B 340 9.52 32.43 6.04
CA ILE B 340 10.20 31.32 5.40
C ILE B 340 9.26 30.11 5.45
N MET B 341 8.99 29.52 4.28
CA MET B 341 8.24 28.27 4.18
C MET B 341 9.22 27.10 4.11
N GLY B 342 8.95 26.02 4.86
CA GLY B 342 9.75 24.80 4.78
C GLY B 342 8.92 23.53 4.88
N PHE B 343 9.41 22.44 4.29
CA PHE B 343 8.70 21.16 4.34
C PHE B 343 9.44 20.20 5.23
N ILE B 344 8.72 19.57 6.14
CA ILE B 344 9.24 18.44 6.94
C ILE B 344 8.76 17.15 6.26
N LEU B 345 9.70 16.39 5.70
CA LEU B 345 9.36 15.36 4.68
C LEU B 345 9.43 13.92 5.18
N ALA B 346 8.49 13.10 4.72
CA ALA B 346 8.59 11.64 4.79
C ALA B 346 8.77 11.12 6.22
N HIS B 347 9.88 10.44 6.53
CA HIS B 347 10.04 9.87 7.87
C HIS B 347 10.23 10.91 8.98
N LYS B 348 10.73 12.10 8.62
CA LYS B 348 10.84 13.21 9.60
C LYS B 348 9.48 13.78 9.98
N ALA B 349 8.50 13.68 9.07
CA ALA B 349 7.14 14.12 9.38
C ALA B 349 6.56 13.20 10.46
N ARG B 350 6.79 11.89 10.32
CA ARG B 350 6.34 10.88 11.29
C ARG B 350 7.01 11.11 12.64
N LYS B 351 8.32 11.32 12.60
CA LYS B 351 9.14 11.48 13.81
C LYS B 351 8.82 12.76 14.58
N LEU B 352 8.67 13.88 13.90
CA LEU B 352 8.51 15.19 14.56
C LEU B 352 7.06 15.56 14.90
N ALA B 353 6.11 14.76 14.42
CA ALA B 353 4.69 14.95 14.74
C ALA B 353 4.39 14.72 16.23
N ARG B 354 5.21 13.92 16.90
CA ARG B 354 5.13 13.69 18.34
C ARG B 354 5.38 14.93 19.21
N LEU B 355 6.10 15.91 18.66
CA LEU B 355 6.43 17.13 19.42
C LEU B 355 5.24 18.06 19.45
N THR B 356 5.32 19.09 20.28
CA THR B 356 4.32 20.16 20.29
C THR B 356 4.63 21.20 19.21
N LYS B 357 3.63 22.00 18.87
CA LYS B 357 3.77 23.11 17.92
C LYS B 357 4.99 24.01 18.27
N GLU B 358 5.11 24.36 19.55
CA GLU B 358 6.20 25.19 20.06
C GLU B 358 7.57 24.51 19.93
N GLU B 359 7.65 23.22 20.24
CA GLU B 359 8.89 22.45 20.07
C GLU B 359 9.36 22.41 18.60
N ARG B 360 8.41 22.32 17.66
CA ARG B 360 8.76 22.32 16.25
C ARG B 360 9.25 23.68 15.80
N LEU B 361 8.62 24.76 16.27
CA LEU B 361 9.05 26.12 15.98
C LEU B 361 10.52 26.39 16.39
N LYS B 362 10.86 25.98 17.61
CA LYS B 362 12.20 26.14 18.15
C LYS B 362 13.26 25.40 17.31
N LYS B 363 12.98 24.16 16.93
CA LYS B 363 13.90 23.39 16.07
C LYS B 363 14.16 24.05 14.70
N LEU B 364 13.10 24.61 14.10
CA LEU B 364 13.19 25.29 12.82
C LEU B 364 14.01 26.58 12.86
N CYS B 365 13.75 27.41 13.87
CA CYS B 365 14.46 28.66 14.10
C CYS B 365 15.95 28.45 14.34
N GLU B 366 16.29 27.45 15.17
CA GLU B 366 17.70 27.10 15.39
C GLU B 366 18.39 26.59 14.13
N LEU B 367 17.69 25.80 13.32
CA LEU B 367 18.19 25.40 12.01
C LEU B 367 18.41 26.59 11.06
N TYR B 368 17.38 27.42 10.91
CA TYR B 368 17.49 28.58 10.03
C TYR B 368 18.60 29.53 10.46
N ALA B 369 18.82 29.66 11.78
CA ALA B 369 19.89 30.49 12.31
C ALA B 369 21.27 29.96 11.91
N LYS B 370 21.44 28.63 11.89
CA LYS B 370 22.71 28.04 11.47
C LYS B 370 22.89 28.22 9.96
N VAL B 371 21.85 27.87 9.19
CA VAL B 371 21.96 27.85 7.74
C VAL B 371 22.14 29.28 7.17
N LEU B 372 21.35 30.23 7.68
CA LEU B 372 21.43 31.61 7.26
C LEU B 372 22.52 32.42 7.95
N GLY B 373 23.12 31.87 9.00
CA GLY B 373 24.15 32.57 9.77
C GLY B 373 23.62 33.85 10.41
N SER B 374 22.41 33.81 10.94
CA SER B 374 21.77 35.00 11.55
C SER B 374 21.02 34.70 12.83
N LEU B 375 21.33 35.45 13.88
CA LEU B 375 20.58 35.40 15.13
C LEU B 375 19.14 35.93 14.99
N GLU B 376 18.87 36.65 13.92
CA GLU B 376 17.53 37.19 13.66
C GLU B 376 16.50 36.08 13.45
N ALA B 377 16.97 34.92 12.99
CA ALA B 377 16.13 33.75 12.80
C ALA B 377 15.59 33.16 14.12
N LEU B 378 16.17 33.60 15.24
CA LEU B 378 15.78 33.10 16.54
C LEU B 378 14.64 33.89 17.15
N GLU B 379 14.17 34.92 16.43
CA GLU B 379 13.11 35.79 16.93
C GLU B 379 11.85 35.83 16.06
N PRO B 380 11.13 34.69 15.93
CA PRO B 380 9.92 34.66 15.09
C PRO B 380 8.79 35.49 15.69
N VAL B 381 7.92 36.07 14.85
CA VAL B 381 6.76 36.82 15.33
C VAL B 381 5.45 36.00 15.25
N HIS B 382 5.47 34.90 14.51
CA HIS B 382 4.29 34.07 14.30
C HIS B 382 4.72 32.74 13.65
N TYR B 383 3.89 31.71 13.83
CA TYR B 383 4.12 30.39 13.25
C TYR B 383 2.81 29.78 12.77
N GLU B 384 2.80 29.23 11.56
CA GLU B 384 1.69 28.39 11.08
C GLU B 384 2.19 27.06 10.48
N GLU B 385 1.42 25.98 10.66
CA GLU B 385 1.80 24.65 10.19
C GLU B 385 0.57 23.78 9.93
N LYS B 386 0.74 22.74 9.10
CA LYS B 386 -0.32 21.80 8.79
C LYS B 386 0.30 20.42 8.49
N ASN B 387 -0.03 19.45 9.32
CA ASN B 387 0.34 18.06 9.09
C ASN B 387 -0.68 17.37 8.21
N TRP B 388 -0.33 17.05 6.98
CA TRP B 388 -1.31 16.46 6.09
C TRP B 388 -1.62 14.97 6.37
N CYS B 389 -0.78 14.32 7.17
CA CYS B 389 -0.89 12.89 7.48
C CYS B 389 -2.12 12.55 8.32
N GLU B 390 -2.65 13.55 9.01
CA GLU B 390 -3.73 13.35 9.95
C GLU B 390 -5.13 13.55 9.31
N GLU B 391 -5.14 13.93 8.03
CA GLU B 391 -6.36 14.19 7.27
C GLU B 391 -7.05 12.93 6.75
N GLN B 392 -8.20 12.61 7.31
CA GLN B 392 -9.03 11.47 6.89
C GLN B 392 -9.43 11.51 5.41
N TYR B 393 -9.73 12.71 4.90
CA TYR B 393 -10.21 12.85 3.53
C TYR B 393 -9.13 13.29 2.50
N SER B 394 -7.87 13.24 2.91
CA SER B 394 -6.72 13.38 1.98
C SER B 394 -5.87 12.12 2.05
N GLY B 395 -5.44 11.73 3.25
CA GLY B 395 -4.59 10.55 3.43
C GLY B 395 -3.10 10.87 3.42
N GLY B 396 -2.77 12.15 3.17
CA GLY B 396 -1.40 12.62 3.09
C GLY B 396 -1.27 13.66 1.99
N CYS B 397 -0.02 13.94 1.60
CA CYS B 397 0.32 14.93 0.57
C CYS B 397 1.75 14.66 0.11
N TYR B 398 2.15 15.11 -1.08
CA TYR B 398 1.32 15.89 -2.01
C TYR B 398 0.35 15.00 -2.75
N THR B 399 0.78 13.75 -2.98
CA THR B 399 0.11 12.87 -3.92
C THR B 399 0.36 11.39 -3.63
N THR B 400 -0.22 10.56 -4.49
CA THR B 400 -0.13 9.11 -4.42
C THR B 400 1.20 8.65 -4.98
N TYR B 401 1.90 7.79 -4.23
CA TYR B 401 3.08 7.12 -4.79
C TYR B 401 2.81 5.63 -5.04
N PHE B 402 3.58 5.03 -5.95
CA PHE B 402 3.44 3.60 -6.23
C PHE B 402 4.65 2.83 -5.70
N PRO B 403 4.42 1.90 -4.76
CA PRO B 403 5.48 0.98 -4.31
C PRO B 403 5.91 0.05 -5.45
N PRO B 404 7.07 -0.64 -5.28
CA PRO B 404 7.54 -1.56 -6.33
C PRO B 404 6.55 -2.67 -6.72
N GLY B 405 6.43 -2.89 -8.03
CA GLY B 405 5.54 -3.90 -8.61
C GLY B 405 4.11 -3.47 -8.96
N ILE B 406 3.69 -2.31 -8.48
CA ILE B 406 2.27 -1.94 -8.54
C ILE B 406 1.87 -1.29 -9.87
N LEU B 407 2.71 -0.37 -10.36
CA LEU B 407 2.38 0.41 -11.57
C LEU B 407 2.19 -0.48 -12.81
N THR B 408 3.05 -1.47 -12.99
CA THR B 408 2.90 -2.41 -14.12
C THR B 408 1.72 -3.36 -13.96
N GLN B 409 1.40 -3.73 -12.73
CA GLN B 409 0.30 -4.68 -12.48
C GLN B 409 -1.07 -4.03 -12.46
N TYR B 410 -1.17 -2.81 -11.93
CA TYR B 410 -2.49 -2.20 -11.72
C TYR B 410 -2.67 -0.85 -12.41
N GLY B 411 -1.56 -0.30 -12.92
CA GLY B 411 -1.56 1.07 -13.45
C GLY B 411 -2.61 1.37 -14.50
N ARG B 412 -2.88 0.43 -15.40
CA ARG B 412 -3.76 0.69 -16.53
C ARG B 412 -5.23 0.81 -16.12
N VAL B 413 -5.49 0.60 -14.84
CA VAL B 413 -6.84 0.56 -14.30
C VAL B 413 -7.26 1.90 -13.66
N LEU B 414 -6.29 2.78 -13.39
CA LEU B 414 -6.53 4.06 -12.70
C LEU B 414 -7.65 4.95 -13.28
N ARG B 415 -7.64 5.15 -14.60
CA ARG B 415 -8.71 5.94 -15.19
C ARG B 415 -9.72 5.17 -16.06
N GLN B 416 -9.69 3.84 -15.94
CA GLN B 416 -10.66 3.00 -16.65
C GLN B 416 -12.05 3.13 -16.02
N PRO B 417 -13.05 3.53 -16.81
CA PRO B 417 -14.43 3.66 -16.29
C PRO B 417 -14.95 2.34 -15.72
N VAL B 418 -15.67 2.43 -14.62
CA VAL B 418 -16.38 1.28 -14.09
C VAL B 418 -17.86 1.55 -14.33
N ASP B 419 -18.37 1.01 -15.44
CA ASP B 419 -19.77 1.22 -15.85
C ASP B 419 -20.06 2.71 -16.06
N ARG B 420 -20.77 3.34 -15.13
CA ARG B 420 -21.11 4.77 -15.25
C ARG B 420 -20.30 5.68 -14.30
N ILE B 421 -19.24 5.13 -13.71
CA ILE B 421 -18.31 5.90 -12.90
C ILE B 421 -17.07 6.21 -13.72
N TYR B 422 -16.76 7.50 -13.85
CA TYR B 422 -15.55 7.97 -14.52
C TYR B 422 -14.59 8.53 -13.49
N PHE B 423 -13.28 8.52 -13.77
CA PHE B 423 -12.28 8.87 -12.73
C PHE B 423 -11.45 10.12 -13.02
N ALA B 424 -11.57 11.09 -12.12
CA ALA B 424 -10.75 12.29 -12.21
C ALA B 424 -9.80 12.30 -11.00
N GLY B 425 -9.35 13.47 -10.55
CA GLY B 425 -8.29 13.57 -9.56
C GLY B 425 -6.92 13.65 -10.22
N THR B 426 -6.03 14.46 -9.64
CA THR B 426 -4.70 14.66 -10.18
C THR B 426 -3.93 13.36 -10.49
N GLU B 427 -4.17 12.30 -9.73
CA GLU B 427 -3.48 11.02 -9.93
C GLU B 427 -3.72 10.37 -11.31
N THR B 428 -4.80 10.76 -11.98
CA THR B 428 -5.16 10.21 -13.28
C THR B 428 -4.72 11.12 -14.44
N ALA B 429 -3.99 12.18 -14.14
CA ALA B 429 -3.51 13.07 -15.19
C ALA B 429 -2.30 12.49 -15.90
N THR B 430 -1.98 13.04 -17.08
CA THR B 430 -0.79 12.63 -17.85
C THR B 430 0.28 13.74 -17.97
N HIS B 431 0.00 14.92 -17.43
CA HIS B 431 0.98 16.01 -17.47
C HIS B 431 0.82 16.76 -16.15
N TRP B 432 1.92 16.90 -15.40
CA TRP B 432 1.87 17.41 -14.02
C TRP B 432 0.84 16.70 -13.11
N SER B 433 0.63 15.41 -13.34
CA SER B 433 -0.02 14.58 -12.33
C SER B 433 0.67 14.78 -10.98
N GLY B 434 -0.13 14.90 -9.92
CA GLY B 434 0.38 15.22 -8.58
C GLY B 434 0.23 16.69 -8.22
N TYR B 435 0.00 17.52 -9.24
CA TYR B 435 -0.11 18.99 -9.10
C TYR B 435 -1.54 19.52 -9.31
N MET B 436 -1.76 20.79 -8.98
CA MET B 436 -3.02 21.46 -9.29
C MET B 436 -3.30 21.45 -10.81
N GLU B 437 -2.25 21.64 -11.61
CA GLU B 437 -2.36 21.49 -13.07
C GLU B 437 -2.97 20.12 -13.47
N GLY B 438 -2.47 19.02 -12.88
CA GLY B 438 -3.02 17.68 -13.17
C GLY B 438 -4.47 17.49 -12.75
N ALA B 439 -4.85 18.09 -11.63
CA ALA B 439 -6.24 18.10 -11.17
C ALA B 439 -7.19 18.70 -12.23
N VAL B 440 -6.79 19.84 -12.81
CA VAL B 440 -7.57 20.50 -13.89
C VAL B 440 -7.67 19.61 -15.15
N GLU B 441 -6.54 19.10 -15.65
CA GLU B 441 -6.52 18.15 -16.78
C GLU B 441 -7.50 17.00 -16.59
N ALA B 442 -7.37 16.30 -15.45
CA ALA B 442 -8.12 15.09 -15.15
C ALA B 442 -9.61 15.37 -14.98
N GLY B 443 -9.96 16.44 -14.26
CA GLY B 443 -11.37 16.82 -14.09
C GLY B 443 -12.07 17.19 -15.39
N GLU B 444 -11.40 17.97 -16.24
CA GLU B 444 -11.96 18.37 -17.53
C GLU B 444 -12.04 17.21 -18.54
N ARG B 445 -11.06 16.31 -18.52
CA ARG B 445 -11.07 15.09 -19.32
C ARG B 445 -12.19 14.11 -18.93
N ALA B 446 -12.35 13.88 -17.62
CA ALA B 446 -13.41 12.97 -17.16
C ALA B 446 -14.78 13.53 -17.52
N ALA B 447 -14.95 14.86 -17.37
CA ALA B 447 -16.19 15.55 -17.79
C ALA B 447 -16.50 15.33 -19.30
N ARG B 448 -15.49 15.46 -20.14
CA ARG B 448 -15.66 15.23 -21.57
C ARG B 448 -15.91 13.77 -21.96
N GLU B 449 -15.40 12.82 -21.16
CA GLU B 449 -15.68 11.40 -21.36
C GLU B 449 -17.18 11.18 -21.20
N ILE B 450 -17.77 11.83 -20.20
CA ILE B 450 -19.22 11.80 -20.00
C ILE B 450 -20.01 12.49 -21.11
N LEU B 451 -19.57 13.68 -21.56
CA LEU B 451 -20.19 14.34 -22.70
C LEU B 451 -20.18 13.45 -23.96
N HIS B 452 -19.10 12.71 -24.15
CA HIS B 452 -19.00 11.78 -25.27
C HIS B 452 -19.96 10.58 -25.11
N ALA B 453 -20.01 9.99 -23.91
CA ALA B 453 -20.95 8.91 -23.61
C ALA B 453 -22.40 9.37 -23.81
N MET B 454 -22.64 10.67 -23.65
CA MET B 454 -23.97 11.26 -23.90
C MET B 454 -24.23 11.62 -25.37
N GLY B 455 -23.26 11.35 -26.25
CA GLY B 455 -23.36 11.69 -27.66
C GLY B 455 -23.25 13.17 -28.01
N LYS B 456 -22.81 13.99 -27.05
CA LYS B 456 -22.69 15.43 -27.23
C LYS B 456 -21.39 15.92 -27.92
N ILE B 457 -20.34 15.08 -27.90
CA ILE B 457 -19.06 15.44 -28.54
C ILE B 457 -18.41 14.21 -29.14
N PRO B 458 -17.60 14.38 -30.22
CA PRO B 458 -16.86 13.26 -30.81
C PRO B 458 -15.72 12.76 -29.92
N GLU B 459 -15.39 11.46 -30.04
CA GLU B 459 -14.33 10.82 -29.25
C GLU B 459 -13.04 11.63 -29.29
N ASP B 460 -12.70 12.03 -30.51
CA ASP B 460 -11.74 13.08 -30.89
C ASP B 460 -11.51 14.20 -29.86
N GLU B 461 -12.57 14.57 -29.14
CA GLU B 461 -12.55 15.77 -28.30
C GLU B 461 -12.45 15.53 -26.80
N ILE B 462 -12.28 14.27 -26.39
CA ILE B 462 -12.12 13.91 -24.97
C ILE B 462 -10.81 14.48 -24.38
N TRP B 463 -9.72 14.34 -25.13
CA TRP B 463 -8.43 14.85 -24.74
C TRP B 463 -8.14 16.08 -25.57
N GLN B 464 -7.96 17.20 -24.88
CA GLN B 464 -7.82 18.50 -25.51
C GLN B 464 -6.51 19.18 -25.12
N SER B 465 -5.79 19.70 -26.10
CA SER B 465 -4.54 20.40 -25.86
C SER B 465 -4.85 21.81 -25.31
N GLU B 466 -3.87 22.44 -24.67
CA GLU B 466 -4.05 23.75 -24.03
C GLU B 466 -3.10 24.81 -24.61
N PRO B 467 -3.63 25.95 -25.06
CA PRO B 467 -2.72 27.03 -25.54
C PRO B 467 -1.81 27.56 -24.41
N GLU B 468 -0.57 27.92 -24.74
CA GLU B 468 0.40 28.41 -23.78
C GLU B 468 -0.06 29.75 -23.19
N SER B 469 0.04 29.88 -21.86
CA SER B 469 -0.23 31.14 -21.15
C SER B 469 0.63 32.29 -21.68
N VAL B 470 0.00 33.44 -21.95
CA VAL B 470 0.76 34.62 -22.41
C VAL B 470 1.45 35.34 -21.24
N ASP B 471 0.87 35.22 -20.04
CA ASP B 471 1.38 35.82 -18.81
C ASP B 471 2.58 35.04 -18.21
N VAL B 472 2.60 33.72 -18.41
CA VAL B 472 3.66 32.87 -17.86
C VAL B 472 4.24 31.98 -18.95
N PRO B 473 5.07 32.57 -19.85
CA PRO B 473 5.64 31.79 -20.95
C PRO B 473 6.79 30.89 -20.49
N ALA B 474 7.04 29.82 -21.25
CA ALA B 474 8.08 28.85 -20.92
C ALA B 474 9.33 29.02 -21.81
N GLN B 475 10.49 29.14 -21.17
CA GLN B 475 11.76 29.01 -21.87
C GLN B 475 12.07 27.53 -22.01
N PRO B 476 12.68 27.13 -23.14
CA PRO B 476 12.98 25.70 -23.31
C PRO B 476 14.13 25.25 -22.41
N ILE B 477 14.24 23.94 -22.17
CA ILE B 477 15.30 23.38 -21.34
C ILE B 477 16.51 23.03 -22.21
N THR B 478 17.64 23.66 -21.94
CA THR B 478 18.85 23.44 -22.75
C THR B 478 19.94 22.69 -21.98
N THR B 479 20.72 21.89 -22.71
CA THR B 479 21.92 21.22 -22.16
C THR B 479 23.16 21.63 -22.95
N THR B 480 24.30 21.75 -22.27
CA THR B 480 25.56 22.07 -22.96
C THR B 480 26.18 20.81 -23.59
N PHE B 481 27.11 21.03 -24.52
CA PHE B 481 27.86 19.95 -25.17
C PHE B 481 28.56 19.05 -24.16
N LEU B 482 29.22 19.67 -23.18
CA LEU B 482 29.95 18.93 -22.16
C LEU B 482 29.02 18.12 -21.24
N GLU B 483 27.91 18.73 -20.81
CA GLU B 483 26.89 18.03 -20.04
C GLU B 483 26.39 16.76 -20.73
N ARG B 484 26.16 16.85 -22.05
CA ARG B 484 25.69 15.72 -22.86
C ARG B 484 26.74 14.62 -23.04
N HIS B 485 28.02 15.00 -23.10
CA HIS B 485 29.06 14.07 -23.58
C HIS B 485 30.15 13.67 -22.57
N LEU B 486 30.22 14.35 -21.44
CA LEU B 486 31.14 13.95 -20.39
C LEU B 486 30.81 12.54 -19.92
N PRO B 487 31.84 11.71 -19.69
CA PRO B 487 31.60 10.31 -19.28
C PRO B 487 31.15 10.15 -17.82
N SER B 488 30.52 9.02 -17.53
CA SER B 488 30.22 8.64 -16.16
C SER B 488 31.52 8.26 -15.43
N VAL B 489 31.44 7.99 -14.12
CA VAL B 489 32.59 7.45 -13.40
C VAL B 489 33.05 6.07 -13.95
N PRO B 490 32.15 5.06 -14.08
CA PRO B 490 32.57 3.83 -14.74
C PRO B 490 33.05 4.03 -16.19
N GLY B 491 32.49 5.03 -16.90
CA GLY B 491 32.89 5.34 -18.28
C GLY B 491 34.32 5.84 -18.36
N LEU B 492 34.70 6.68 -17.41
CA LEU B 492 36.08 7.15 -17.30
C LEU B 492 37.01 6.00 -16.92
N LEU B 493 36.53 5.08 -16.09
CA LEU B 493 37.30 3.88 -15.72
C LEU B 493 37.51 2.91 -16.90
N ARG B 494 36.46 2.68 -17.70
CA ARG B 494 36.58 1.89 -18.94
C ARG B 494 37.62 2.55 -19.86
N LEU B 495 37.52 3.86 -20.01
CA LEU B 495 38.41 4.64 -20.86
C LEU B 495 39.86 4.61 -20.36
N ILE B 496 40.04 4.17 -19.12
CA ILE B 496 41.37 3.95 -18.55
C ILE B 496 41.75 2.47 -18.66
PA FAD C . -11.52 -12.58 8.18
O1A FAD C . -11.27 -11.87 6.91
O2A FAD C . -11.67 -14.08 7.92
O5B FAD C . -12.86 -12.00 8.85
C5B FAD C . -13.20 -10.64 8.71
C4B FAD C . -14.71 -10.49 8.60
O4B FAD C . -15.03 -9.11 8.66
C3B FAD C . -15.26 -10.99 7.29
O3B FAD C . -16.34 -11.88 7.54
C2B FAD C . -15.74 -9.75 6.56
O2B FAD C . -16.90 -9.98 5.78
C1B FAD C . -16.04 -8.81 7.73
N9A FAD C . -15.99 -7.38 7.38
C8A FAD C . -15.12 -6.72 6.56
N7A FAD C . -15.46 -5.41 6.52
C5A FAD C . -16.55 -5.23 7.29
C6A FAD C . -17.31 -4.10 7.61
N6A FAD C . -16.92 -2.89 7.23
N1A FAD C . -18.40 -4.26 8.45
C2A FAD C . -18.72 -5.49 9.00
N3A FAD C . -17.98 -6.59 8.69
C4A FAD C . -16.91 -6.46 7.85
N1 FAD C . -5.10 -20.05 7.13
C2 FAD C . -4.83 -21.26 7.73
O2 FAD C . -4.76 -21.36 8.96
N3 FAD C . -4.65 -22.40 6.97
C4 FAD C . -4.73 -22.34 5.60
O4 FAD C . -4.57 -23.37 4.96
C4X FAD C . -4.99 -21.12 4.97
N5 FAD C . -5.06 -21.02 3.59
C5X FAD C . -5.62 -19.90 2.99
C6 FAD C . -6.06 -19.98 1.67
C7 FAD C . -6.91 -19.00 1.15
C7M FAD C . -7.33 -19.14 -0.28
C8 FAD C . -7.34 -17.94 1.95
C8M FAD C . -8.24 -16.84 1.47
C9 FAD C . -6.88 -17.87 3.27
C9A FAD C . -6.03 -18.84 3.82
N10 FAD C . -5.51 -18.76 5.12
C10 FAD C . -5.19 -19.95 5.75
C1' FAD C . -5.86 -17.56 5.95
C2' FAD C . -7.09 -17.71 6.86
O2' FAD C . -8.26 -18.01 6.11
C3' FAD C . -7.26 -16.41 7.63
O3' FAD C . -6.10 -16.14 8.35
C4' FAD C . -8.39 -16.36 8.65
O4' FAD C . -9.62 -16.79 8.09
C5' FAD C . -8.51 -14.89 9.09
O5' FAD C . -9.59 -14.71 9.99
P FAD C . -9.92 -13.24 10.54
O1P FAD C . -11.16 -13.37 11.38
O2P FAD C . -8.72 -12.60 11.25
O3P FAD C . -10.20 -12.29 9.41
C MBN D . -3.59 -20.83 3.57
C1 MBN D . -2.19 -21.36 3.38
C2 MBN D . -1.93 -22.33 2.41
C3 MBN D . -0.64 -22.82 2.21
C4 MBN D . 0.40 -22.34 2.99
C5 MBN D . 0.16 -21.38 3.97
C6 MBN D . -1.14 -20.89 4.16
PA FAD E . -8.10 16.70 -3.66
O1A FAD E . -7.56 15.84 -2.57
O2A FAD E . -7.55 18.12 -3.48
O5B FAD E . -9.69 16.76 -3.54
C5B FAD E . -10.45 15.64 -3.21
C4B FAD E . -11.68 16.08 -2.45
O4B FAD E . -12.45 14.92 -2.22
C3B FAD E . -11.39 16.67 -1.08
O3B FAD E . -12.04 17.93 -1.00
C2B FAD E . -11.95 15.63 -0.12
O2B FAD E . -12.45 16.13 1.09
C1B FAD E . -13.04 15.00 -0.95
N9A FAD E . -13.45 13.65 -0.52
C8A FAD E . -12.63 12.62 -0.10
N7A FAD E . -13.40 11.55 0.21
C5A FAD E . -14.69 11.88 -0.02
C6A FAD E . -15.89 11.17 0.10
N6A FAD E . -15.90 9.88 0.46
N1A FAD E . -17.07 11.80 -0.24
C2A FAD E . -17.10 13.11 -0.69
N3A FAD E . -15.91 13.80 -0.82
C4A FAD E . -14.74 13.20 -0.49
N1 FAD E . 0.45 21.10 -6.13
C2 FAD E . 0.87 22.16 -6.91
O2 FAD E . 0.44 22.28 -8.05
N3 FAD E . 1.77 23.06 -6.40
C4 FAD E . 2.28 22.92 -5.11
O4 FAD E . 3.08 23.76 -4.67
C4X FAD E . 1.87 21.85 -4.32
N5 FAD E . 2.36 21.70 -3.03
C5X FAD E . 1.77 20.79 -2.17
C6 FAD E . 2.02 20.89 -0.79
C7 FAD E . 1.19 20.28 0.15
C7M FAD E . 1.54 20.41 1.60
C8 FAD E . 0.07 19.57 -0.29
C8M FAD E . -0.87 18.89 0.71
C9 FAD E . -0.19 19.48 -1.67
C9A FAD E . 0.64 20.09 -2.62
N10 FAD E . 0.49 19.92 -4.01
C10 FAD E . 0.93 20.94 -4.84
C1' FAD E . -0.63 19.01 -4.49
C2' FAD E . -1.93 19.72 -4.91
O2' FAD E . -2.48 20.43 -3.82
C3' FAD E . -2.91 18.65 -5.42
O3' FAD E . -2.39 17.99 -6.57
C4' FAD E . -4.33 19.08 -5.77
O4' FAD E . -4.89 19.93 -4.80
C5' FAD E . -5.17 17.80 -5.86
O5' FAD E . -6.49 18.10 -6.26
P FAD E . -7.63 16.98 -6.53
O1P FAD E . -8.89 17.69 -6.79
O2P FAD E . -7.20 15.98 -7.60
O3P FAD E . -7.76 16.21 -5.27
C MBN F . 3.47 20.94 -3.65
C1 MBN F . 4.91 20.88 -4.13
C2 MBN F . 5.92 21.57 -3.46
C3 MBN F . 7.24 21.54 -3.88
C4 MBN F . 7.58 20.78 -5.00
C5 MBN F . 6.58 20.08 -5.67
C6 MBN F . 5.24 20.13 -5.25
#